data_7WGE
#
_entry.id   7WGE
#
_cell.length_a   1.00
_cell.length_b   1.00
_cell.length_c   1.00
_cell.angle_alpha   90.00
_cell.angle_beta   90.00
_cell.angle_gamma   90.00
#
_symmetry.space_group_name_H-M   'P 1'
#
loop_
_entity.id
_entity.type
_entity.pdbx_description
1 polymer 'NACHT, LRR and PYD domains-containing protein 1, N-terminus'
2 polymer Thioredoxin
3 non-polymer 'PHOSPHOTHIOPHOSPHORIC ACID-ADENYLATE ESTER'
4 non-polymer 'MAGNESIUM ION'
#
loop_
_entity_poly.entity_id
_entity_poly.type
_entity_poly.pdbx_seq_one_letter_code
_entity_poly.pdbx_strand_id
1 'polypeptide(L)'
;SFPYSPSEPHLGSPSQPTSTAVLMPWIHELPAGCTQGSERRVLRQLPDTSGRRWREISASLLYQALPSSPDHESPSQESP
NAPTSTAVLGSWGSPPQPSLAPREQEAPGTQWPLDETSGIYYTEIREREREKSEKGRPPWAAVVGTPPQAHTSLQPHHHP
WEPSVRESLCSTWPWKNEDFNQKFTQLLLLQRPHPRSQDPLVKRSWPDYVEENRGHLIEIRDLFGPGLDTQEPRIVILQG
AAGIGKSTLARQVKEAWGRGQLYGDRFQHVFYFSCRELAQSKVVSLAELIGKDGTATPAPIRQILSRPERLLFILDGVDE
PGWVLQEPSSELCLHWSQPQPADALLGSLLGKTILPEASFLITARTTALQNLIPSLEQARWVEVLGFSESSRKEYFYRYF
TDERQAIRAFRLVKSNKELWALCLVPWVSWLACTCLMQQMKRKEKLTLTSKTTTTLCLHYLAQALQAQPLGPQLRDLCSL
AAEGIWQKKTLFSPDDLRKHGLDGAIISTFLKMGILQEHPIPLSYSFIHLCFQEFFAAMSYVLEDEKGRGKHSNCIIDLE
KTLEAYGIHGLFGASTTRFLLGLLSDEGEREMENIFHCRLSQGRNLMQWVPSLQLLLQPHSLESLHCLYETRNKTFLTQV
MAHFEEMGMCVETDMELLVCTFCIKFSRHVKKLQLIEGRQHRSTWSPTMVVLFRWVPVTDAYWQILFSVLKVTRNLKELD
LSGNSLSHSAVKSLCKTLRRPRCLLETLRLAGCGLTAEDCKDLAFGLRANQTLTELDLSFNVLTDAGAKHLCQRLRQPSC
KLQRLQLVSCGLTSDCCQDLASVLSASPSLKELDLQQNNLDDVGVRLLCEGLRHPACKLIRLGLDQTTLSDEMRQELRAL
EQEKPQLLIFSRRKPSVMTP
;
A
2 'polypeptide(L)'
;MSIHIKDSDDLKNRLAEAGDKLVVIDFMATWCGPCKMIGPKLDEMANEMSDCIVVLKVDVDECEDIATEYNINSMPTFVF
VKNSKKIEEFSGANVDKLRNTIIKLK
;
B
#
# COMPACT_ATOMS: atom_id res chain seq x y z
N GLN A 182 9.13 10.39 16.92
CA GLN A 182 9.91 9.75 17.97
C GLN A 182 9.43 8.32 18.22
N LYS A 183 8.37 8.19 19.02
CA LYS A 183 7.78 6.89 19.26
C LYS A 183 7.18 6.33 17.97
N PHE A 184 7.32 5.03 17.79
CA PHE A 184 6.90 4.38 16.54
C PHE A 184 5.38 4.26 16.52
N THR A 185 4.73 5.16 15.80
CA THR A 185 3.30 5.05 15.55
C THR A 185 3.01 3.77 14.77
N GLN A 186 1.88 3.13 15.07
CA GLN A 186 1.54 1.86 14.46
C GLN A 186 1.25 2.00 12.98
N LEU A 187 1.59 0.96 12.22
CA LEU A 187 1.32 0.88 10.79
C LEU A 187 0.65 -0.45 10.47
N LEU A 188 -0.28 -0.43 9.51
CA LEU A 188 -0.91 -1.65 9.05
C LEU A 188 -0.01 -2.36 8.03
N LEU A 189 -0.01 -3.68 8.09
CA LEU A 189 0.81 -4.50 7.20
C LEU A 189 -0.02 -5.64 6.64
N LEU A 190 0.00 -5.79 5.32
CA LEU A 190 -0.71 -6.87 4.64
C LEU A 190 0.17 -8.11 4.53
N GLN A 191 -0.49 -9.26 4.36
CA GLN A 191 0.18 -10.56 4.30
C GLN A 191 -0.38 -11.37 3.14
N ARG A 192 -0.43 -10.76 1.95
CA ARG A 192 -1.00 -11.40 0.77
C ARG A 192 -0.29 -12.71 0.44
N PRO A 193 -1.01 -13.85 0.47
CA PRO A 193 -0.43 -15.15 0.11
C PRO A 193 -0.39 -15.40 -1.39
N HIS A 194 0.06 -14.39 -2.14
CA HIS A 194 0.13 -14.48 -3.59
C HIS A 194 1.36 -13.73 -4.09
N PRO A 195 2.24 -14.38 -4.85
CA PRO A 195 3.45 -13.71 -5.33
C PRO A 195 3.15 -12.57 -6.29
N ARG A 196 3.49 -11.35 -5.89
CA ARG A 196 3.31 -10.17 -6.73
C ARG A 196 4.54 -9.88 -7.57
N SER A 197 5.01 -10.89 -8.31
CA SER A 197 6.18 -10.71 -9.16
C SER A 197 5.82 -9.93 -10.42
N GLN A 198 4.90 -10.47 -11.22
CA GLN A 198 4.44 -9.78 -12.42
C GLN A 198 3.08 -10.33 -12.82
N ASP A 199 2.32 -9.51 -13.54
CA ASP A 199 1.02 -9.90 -14.09
C ASP A 199 0.99 -9.52 -15.57
N PRO A 200 1.79 -10.19 -16.40
CA PRO A 200 1.81 -9.84 -17.82
C PRO A 200 0.48 -10.08 -18.52
N LEU A 201 -0.31 -11.03 -18.04
CA LEU A 201 -1.57 -11.39 -18.70
C LEU A 201 -2.74 -10.57 -18.16
N VAL A 202 -2.55 -9.26 -18.05
CA VAL A 202 -3.52 -8.30 -17.51
C VAL A 202 -4.26 -8.92 -16.33
N LYS A 203 -5.59 -8.80 -16.28
CA LYS A 203 -6.37 -9.35 -15.19
C LYS A 203 -7.17 -10.60 -15.54
N ARG A 204 -7.54 -10.79 -16.80
CA ARG A 204 -8.30 -11.96 -17.28
C ARG A 204 -9.59 -12.06 -16.47
N SER A 205 -9.89 -13.22 -15.86
CA SER A 205 -11.18 -13.42 -15.21
C SER A 205 -11.34 -12.52 -13.99
N TRP A 206 -12.56 -12.02 -13.80
CA TRP A 206 -12.82 -11.07 -12.72
C TRP A 206 -12.59 -11.67 -11.33
N PRO A 207 -13.09 -12.86 -10.99
CA PRO A 207 -12.82 -13.42 -9.65
C PRO A 207 -11.34 -13.61 -9.35
N ASP A 208 -10.50 -13.80 -10.38
CA ASP A 208 -9.07 -13.94 -10.13
C ASP A 208 -8.49 -12.67 -9.51
N TYR A 209 -8.89 -11.50 -10.02
CA TYR A 209 -8.34 -10.25 -9.53
C TYR A 209 -8.70 -10.01 -8.08
N VAL A 210 -9.95 -10.28 -7.70
CA VAL A 210 -10.34 -10.13 -6.31
C VAL A 210 -9.69 -11.21 -5.45
N GLU A 211 -9.42 -12.39 -6.02
CA GLU A 211 -8.76 -13.45 -5.26
C GLU A 211 -7.31 -13.08 -4.94
N GLU A 212 -6.61 -12.40 -5.86
CA GLU A 212 -5.20 -12.09 -5.64
C GLU A 212 -5.01 -11.18 -4.43
N ASN A 213 -5.83 -10.15 -4.29
CA ASN A 213 -5.68 -9.19 -3.19
C ASN A 213 -6.37 -9.75 -1.95
N ARG A 214 -5.60 -10.52 -1.18
CA ARG A 214 -6.17 -11.24 -0.04
C ARG A 214 -6.22 -10.38 1.22
N GLY A 215 -5.20 -9.56 1.45
CA GLY A 215 -5.17 -8.71 2.65
C GLY A 215 -4.47 -9.42 3.82
N HIS A 216 -5.27 -9.88 4.78
CA HIS A 216 -4.80 -10.63 5.95
C HIS A 216 -3.80 -9.81 6.77
N LEU A 217 -4.32 -8.74 7.37
CA LEU A 217 -3.54 -7.84 8.21
C LEU A 217 -2.78 -8.59 9.31
N ILE A 218 -1.69 -8.01 9.81
CA ILE A 218 -0.79 -8.69 10.75
C ILE A 218 -0.26 -7.68 11.74
N GLU A 219 0.24 -8.18 12.87
CA GLU A 219 0.92 -7.38 13.87
C GLU A 219 2.44 -7.46 13.68
N ILE A 220 3.15 -6.57 14.38
CA ILE A 220 4.59 -6.49 14.22
C ILE A 220 5.29 -7.74 14.74
N ARG A 221 4.76 -8.36 15.79
CA ARG A 221 5.42 -9.51 16.41
C ARG A 221 5.12 -10.83 15.70
N ASP A 222 4.69 -10.79 14.44
CA ASP A 222 4.41 -12.00 13.69
C ASP A 222 4.94 -11.94 12.27
N LEU A 223 5.81 -10.97 11.94
CA LEU A 223 6.27 -10.82 10.57
C LEU A 223 7.03 -12.05 10.08
N PHE A 224 7.86 -12.63 10.94
CA PHE A 224 8.61 -13.84 10.62
C PHE A 224 7.98 -15.08 11.25
N GLY A 225 6.65 -15.11 11.38
CA GLY A 225 5.97 -16.22 11.98
C GLY A 225 5.77 -17.38 11.01
N PRO A 226 5.11 -18.44 11.48
CA PRO A 226 4.87 -19.61 10.62
C PRO A 226 4.13 -19.27 9.34
N GLY A 227 3.00 -18.57 9.45
CA GLY A 227 2.20 -18.24 8.29
C GLY A 227 1.04 -19.20 8.09
N LEU A 228 0.66 -19.42 6.83
CA LEU A 228 -0.44 -20.35 6.54
C LEU A 228 -0.01 -21.79 6.81
N ASP A 229 1.03 -22.25 6.13
CA ASP A 229 1.54 -23.61 6.30
C ASP A 229 2.63 -23.61 7.37
N THR A 230 3.32 -24.74 7.50
CA THR A 230 4.39 -24.87 8.48
C THR A 230 5.75 -24.41 7.95
N GLN A 231 5.81 -23.97 6.69
CA GLN A 231 7.06 -23.51 6.09
C GLN A 231 7.22 -22.02 6.36
N GLU A 232 8.16 -21.67 7.22
CA GLU A 232 8.40 -20.27 7.54
C GLU A 232 8.98 -19.54 6.32
N PRO A 233 8.62 -18.27 6.12
CA PRO A 233 9.16 -17.53 4.98
C PRO A 233 10.65 -17.28 5.13
N ARG A 234 11.33 -17.19 3.99
CA ARG A 234 12.77 -16.93 3.94
C ARG A 234 13.10 -15.46 3.74
N ILE A 235 12.45 -14.81 2.78
CA ILE A 235 12.68 -13.41 2.47
C ILE A 235 11.35 -12.67 2.59
N VAL A 236 11.34 -11.57 3.33
CA VAL A 236 10.16 -10.75 3.55
C VAL A 236 10.34 -9.44 2.81
N ILE A 237 9.37 -9.09 1.95
CA ILE A 237 9.44 -7.90 1.12
C ILE A 237 8.41 -6.89 1.63
N LEU A 238 8.86 -5.64 1.80
CA LEU A 238 8.02 -4.57 2.33
C LEU A 238 7.76 -3.56 1.22
N GLN A 239 6.59 -3.67 0.60
CA GLN A 239 6.19 -2.72 -0.44
C GLN A 239 5.37 -1.58 0.16
N GLY A 240 5.16 -0.55 -0.64
CA GLY A 240 4.39 0.60 -0.22
C GLY A 240 4.70 1.80 -1.09
N ALA A 241 4.01 2.90 -0.77
CA ALA A 241 4.19 4.14 -1.50
C ALA A 241 5.42 4.89 -0.97
N ALA A 242 5.69 6.06 -1.55
CA ALA A 242 6.81 6.87 -1.10
C ALA A 242 6.52 7.46 0.28
N GLY A 243 7.47 7.30 1.19
CA GLY A 243 7.28 7.78 2.55
C GLY A 243 6.25 7.03 3.35
N ILE A 244 5.87 5.84 2.91
CA ILE A 244 4.82 5.08 3.60
C ILE A 244 5.29 4.58 4.96
N GLY A 245 6.60 4.45 5.17
CA GLY A 245 7.12 4.00 6.44
C GLY A 245 7.90 2.70 6.36
N LYS A 246 8.42 2.40 5.16
CA LYS A 246 9.21 1.19 4.96
C LYS A 246 10.69 1.41 5.24
N SER A 247 11.05 2.53 5.88
CA SER A 247 12.42 2.78 6.30
C SER A 247 12.54 2.98 7.80
N THR A 248 11.41 2.98 8.53
CA THR A 248 11.41 3.11 9.98
C THR A 248 10.90 1.86 10.68
N LEU A 249 10.07 1.05 10.01
CA LEU A 249 9.55 -0.18 10.62
C LEU A 249 10.68 -1.13 11.02
N ALA A 250 11.64 -1.32 10.11
CA ALA A 250 12.76 -2.21 10.40
C ALA A 250 13.67 -1.63 11.48
N ARG A 251 13.86 -0.30 11.48
CA ARG A 251 14.62 0.33 12.54
C ARG A 251 13.93 0.14 13.88
N GLN A 252 12.61 0.27 13.92
CA GLN A 252 11.87 0.01 15.15
C GLN A 252 12.01 -1.44 15.58
N VAL A 253 11.99 -2.37 14.64
CA VAL A 253 12.16 -3.78 14.97
C VAL A 253 13.53 -4.01 15.60
N LYS A 254 14.58 -3.45 15.00
CA LYS A 254 15.92 -3.62 15.55
C LYS A 254 16.04 -2.99 16.94
N GLU A 255 15.48 -1.79 17.11
CA GLU A 255 15.56 -1.12 18.41
C GLU A 255 14.79 -1.90 19.48
N ALA A 256 13.62 -2.43 19.11
CA ALA A 256 12.82 -3.23 20.04
C ALA A 256 13.56 -4.50 20.43
N TRP A 257 14.23 -5.15 19.47
CA TRP A 257 15.04 -6.32 19.84
C TRP A 257 16.18 -5.90 20.76
N GLY A 258 16.79 -4.75 20.50
CA GLY A 258 17.87 -4.27 21.35
C GLY A 258 17.42 -4.06 22.78
N ARG A 259 16.22 -3.54 22.98
CA ARG A 259 15.64 -3.46 24.32
C ARG A 259 14.88 -4.72 24.72
N GLY A 260 14.78 -5.70 23.82
CA GLY A 260 14.24 -7.00 24.17
C GLY A 260 12.73 -7.08 24.28
N GLN A 261 12.03 -6.80 23.17
CA GLN A 261 10.58 -6.95 23.15
C GLN A 261 10.07 -7.53 21.83
N LEU A 262 10.94 -8.07 20.98
CA LEU A 262 10.51 -8.61 19.69
C LEU A 262 11.55 -9.60 19.20
N TYR A 263 11.13 -10.85 19.01
CA TYR A 263 11.97 -11.91 18.45
C TYR A 263 13.27 -12.07 19.24
N GLY A 264 13.11 -12.34 20.54
CA GLY A 264 14.24 -12.57 21.43
C GLY A 264 14.70 -14.00 21.54
N ASP A 265 14.12 -14.93 20.76
CA ASP A 265 14.47 -16.34 20.85
C ASP A 265 14.86 -16.97 19.53
N ARG A 266 14.62 -16.33 18.38
CA ARG A 266 14.93 -16.91 17.09
C ARG A 266 16.11 -16.26 16.40
N PHE A 267 16.39 -14.98 16.67
CA PHE A 267 17.49 -14.25 16.05
C PHE A 267 18.53 -13.94 17.12
N GLN A 268 19.69 -14.58 17.02
CA GLN A 268 20.76 -14.31 17.98
C GLN A 268 21.34 -12.92 17.78
N HIS A 269 21.45 -12.47 16.54
CA HIS A 269 21.98 -11.14 16.23
C HIS A 269 21.25 -10.59 15.01
N VAL A 270 21.18 -9.26 14.95
CA VAL A 270 20.57 -8.57 13.82
C VAL A 270 21.58 -7.58 13.26
N PHE A 271 21.56 -7.40 11.95
CA PHE A 271 22.54 -6.58 11.24
C PHE A 271 21.82 -5.50 10.44
N TYR A 272 22.18 -4.25 10.67
CA TYR A 272 21.50 -3.11 10.08
C TYR A 272 22.35 -2.51 8.97
N PHE A 273 21.86 -2.61 7.74
CA PHE A 273 22.56 -2.11 6.57
C PHE A 273 21.62 -1.24 5.74
N SER A 274 22.21 -0.30 5.00
CA SER A 274 21.48 0.56 4.10
C SER A 274 22.12 0.49 2.72
N CYS A 275 21.30 0.16 1.70
CA CYS A 275 21.83 0.03 0.35
C CYS A 275 22.34 1.37 -0.17
N ARG A 276 21.66 2.47 0.17
CA ARG A 276 22.11 3.79 -0.26
C ARG A 276 23.46 4.13 0.36
N GLU A 277 23.64 3.80 1.64
CA GLU A 277 24.93 4.06 2.29
C GLU A 277 26.04 3.20 1.69
N LEU A 278 25.74 1.93 1.39
CA LEU A 278 26.74 1.03 0.83
C LEU A 278 27.00 1.26 -0.65
N ALA A 279 26.16 2.04 -1.32
CA ALA A 279 26.40 2.32 -2.74
C ALA A 279 27.60 3.23 -2.94
N GLN A 280 27.93 4.06 -1.95
CA GLN A 280 29.07 4.97 -2.09
C GLN A 280 30.39 4.20 -2.18
N SER A 281 30.55 3.17 -1.35
CA SER A 281 31.77 2.39 -1.32
C SER A 281 31.68 1.19 -2.24
N LYS A 282 32.82 0.80 -2.81
CA LYS A 282 32.91 -0.33 -3.72
C LYS A 282 33.78 -1.46 -3.20
N VAL A 283 34.40 -1.30 -2.03
CA VAL A 283 35.26 -2.31 -1.43
C VAL A 283 34.65 -2.67 -0.08
N VAL A 284 34.00 -3.83 -0.01
CA VAL A 284 33.34 -4.29 1.20
C VAL A 284 33.45 -5.81 1.26
N SER A 285 33.44 -6.35 2.48
CA SER A 285 33.47 -7.78 2.68
C SER A 285 32.63 -8.12 3.91
N LEU A 286 32.50 -9.42 4.20
CA LEU A 286 31.70 -9.85 5.33
C LEU A 286 32.24 -9.30 6.64
N ALA A 287 33.56 -9.43 6.85
CA ALA A 287 34.16 -8.90 8.08
C ALA A 287 34.00 -7.39 8.15
N GLU A 288 34.17 -6.69 7.02
CA GLU A 288 34.03 -5.24 7.01
C GLU A 288 32.63 -4.81 7.38
N LEU A 289 31.60 -5.48 6.82
CA LEU A 289 30.23 -5.09 7.14
C LEU A 289 29.88 -5.45 8.59
N ILE A 290 30.41 -6.57 9.09
CA ILE A 290 30.18 -6.91 10.50
C ILE A 290 30.79 -5.83 11.40
N GLY A 291 32.00 -5.39 11.08
CA GLY A 291 32.63 -4.34 11.87
C GLY A 291 31.88 -3.02 11.78
N LYS A 292 31.42 -2.66 10.59
CA LYS A 292 30.69 -1.41 10.42
C LYS A 292 29.37 -1.43 11.17
N ASP A 293 28.67 -2.56 11.15
CA ASP A 293 27.41 -2.67 11.89
C ASP A 293 27.66 -2.51 13.38
N GLY A 294 28.38 -3.46 13.99
CA GLY A 294 28.80 -3.41 15.37
C GLY A 294 27.77 -2.91 16.37
N THR A 295 26.59 -3.54 16.40
CA THR A 295 25.57 -3.14 17.36
C THR A 295 26.00 -3.41 18.79
N ALA A 296 26.79 -4.45 19.00
CA ALA A 296 27.34 -4.79 20.31
C ALA A 296 28.87 -4.83 20.21
N THR A 297 29.51 -5.30 21.27
CA THR A 297 30.95 -5.50 21.24
C THR A 297 31.31 -6.47 20.13
N PRO A 298 32.29 -6.14 19.27
CA PRO A 298 32.59 -7.01 18.12
C PRO A 298 32.94 -8.43 18.52
N ALA A 299 32.08 -9.37 18.13
CA ALA A 299 32.15 -10.81 18.37
C ALA A 299 32.94 -11.50 17.27
N PRO A 300 33.57 -12.65 17.58
CA PRO A 300 34.33 -13.36 16.54
C PRO A 300 33.42 -13.84 15.41
N ILE A 301 33.97 -13.81 14.19
CA ILE A 301 33.20 -14.15 13.00
C ILE A 301 32.90 -15.65 12.94
N ARG A 302 33.79 -16.48 13.50
CA ARG A 302 33.65 -17.93 13.36
C ARG A 302 32.34 -18.43 13.97
N GLN A 303 32.00 -17.98 15.18
CA GLN A 303 30.75 -18.40 15.79
C GLN A 303 29.55 -17.72 15.17
N ILE A 304 29.73 -16.53 14.57
CA ILE A 304 28.63 -15.89 13.86
C ILE A 304 28.23 -16.71 12.64
N LEU A 305 29.23 -17.21 11.90
CA LEU A 305 28.97 -17.95 10.67
C LEU A 305 28.66 -19.42 10.89
N SER A 306 28.79 -19.92 12.11
CA SER A 306 28.46 -21.32 12.41
C SER A 306 27.02 -21.49 12.88
N ARG A 307 26.24 -20.41 12.93
CA ARG A 307 24.84 -20.45 13.35
C ARG A 307 24.01 -19.82 12.23
N PRO A 308 23.74 -20.56 11.16
CA PRO A 308 23.01 -19.97 10.03
C PRO A 308 21.62 -19.48 10.38
N GLU A 309 20.80 -20.33 11.01
CA GLU A 309 19.40 -19.98 11.24
C GLU A 309 19.21 -19.14 12.50
N ARG A 310 20.10 -18.18 12.72
CA ARG A 310 20.06 -17.35 13.93
C ARG A 310 20.38 -15.89 13.67
N LEU A 311 20.31 -15.44 12.41
CA LEU A 311 20.71 -14.08 12.07
C LEU A 311 19.63 -13.38 11.26
N LEU A 312 19.59 -12.06 11.39
CA LEU A 312 18.64 -11.22 10.67
C LEU A 312 19.39 -10.10 9.96
N PHE A 313 18.95 -9.80 8.74
CA PHE A 313 19.56 -8.77 7.90
C PHE A 313 18.52 -7.73 7.57
N ILE A 314 18.85 -6.45 7.82
CA ILE A 314 17.95 -5.33 7.57
C ILE A 314 18.52 -4.47 6.46
N LEU A 315 17.70 -4.20 5.45
CA LEU A 315 18.02 -3.25 4.39
C LEU A 315 16.96 -2.16 4.36
N ASP A 316 17.36 -0.97 3.91
CA ASP A 316 16.49 0.20 3.89
C ASP A 316 16.15 0.61 2.45
N GLY A 317 15.88 -0.37 1.60
CA GLY A 317 15.50 -0.10 0.24
C GLY A 317 16.51 -0.59 -0.78
N VAL A 318 16.18 -1.69 -1.47
CA VAL A 318 17.05 -2.23 -2.50
C VAL A 318 16.88 -1.53 -3.84
N ASP A 319 15.93 -0.60 -3.94
CA ASP A 319 15.70 0.15 -5.17
C ASP A 319 16.36 1.52 -5.15
N GLU A 320 16.82 1.99 -3.99
CA GLU A 320 17.49 3.30 -3.93
C GLU A 320 18.75 3.35 -4.79
N PRO A 321 19.68 2.39 -4.72
CA PRO A 321 20.82 2.41 -5.63
C PRO A 321 20.53 1.68 -6.93
N GLY A 322 21.40 1.92 -7.91
CA GLY A 322 21.29 1.26 -9.20
C GLY A 322 22.01 -0.07 -9.25
N TRP A 323 21.83 -0.89 -8.22
CA TRP A 323 22.50 -2.18 -8.14
C TRP A 323 21.80 -3.22 -9.01
N VAL A 324 22.46 -4.36 -9.15
CA VAL A 324 21.91 -5.52 -9.85
C VAL A 324 21.59 -6.65 -8.87
N LEU A 325 22.43 -6.84 -7.86
CA LEU A 325 22.25 -7.87 -6.84
C LEU A 325 22.19 -9.26 -7.47
N GLN A 326 23.30 -9.65 -8.10
CA GLN A 326 23.43 -10.94 -8.74
C GLN A 326 24.78 -11.55 -8.40
N GLU A 327 24.80 -12.86 -8.18
CA GLU A 327 26.05 -13.50 -7.82
C GLU A 327 26.82 -13.94 -9.07
N PRO A 328 28.15 -13.88 -9.05
CA PRO A 328 28.93 -14.25 -10.24
C PRO A 328 29.06 -15.76 -10.39
N SER A 329 28.30 -16.33 -11.31
CA SER A 329 28.36 -17.74 -11.71
C SER A 329 28.08 -18.70 -10.55
N SER A 330 27.68 -18.19 -9.39
CA SER A 330 27.43 -18.99 -8.19
C SER A 330 28.50 -20.05 -7.97
N GLU A 331 28.10 -21.25 -7.56
CA GLU A 331 28.91 -22.46 -7.44
C GLU A 331 30.13 -22.28 -6.56
N LEU A 332 30.26 -21.16 -5.86
CA LEU A 332 31.41 -20.90 -5.01
C LEU A 332 31.12 -19.68 -4.14
N CYS A 333 31.71 -19.67 -2.95
CA CYS A 333 31.57 -18.56 -2.02
C CYS A 333 32.96 -18.05 -1.63
N LEU A 334 33.09 -16.74 -1.54
CA LEU A 334 34.35 -16.12 -1.19
C LEU A 334 34.53 -16.06 0.32
N HIS A 335 35.79 -16.12 0.75
CA HIS A 335 36.10 -16.01 2.17
C HIS A 335 35.83 -14.59 2.66
N TRP A 336 35.59 -14.46 3.97
CA TRP A 336 35.39 -13.15 4.55
C TRP A 336 36.71 -12.37 4.57
N SER A 337 36.57 -11.05 4.68
CA SER A 337 37.66 -10.06 4.62
C SER A 337 38.27 -9.94 3.23
N GLN A 338 37.75 -10.67 2.23
CA GLN A 338 38.21 -10.54 0.85
C GLN A 338 37.41 -9.46 0.14
N PRO A 339 38.06 -8.48 -0.48
CA PRO A 339 37.31 -7.39 -1.13
C PRO A 339 36.38 -7.90 -2.22
N GLN A 340 35.20 -7.29 -2.30
CA GLN A 340 34.18 -7.64 -3.27
C GLN A 340 33.12 -6.55 -3.32
N PRO A 341 32.71 -6.12 -4.51
CA PRO A 341 31.63 -5.13 -4.60
C PRO A 341 30.36 -5.66 -3.94
N ALA A 342 29.64 -4.75 -3.26
CA ALA A 342 28.42 -5.15 -2.57
C ALA A 342 27.34 -5.63 -3.54
N ASP A 343 27.44 -5.24 -4.81
CA ASP A 343 26.44 -5.66 -5.79
C ASP A 343 26.40 -7.17 -5.93
N ALA A 344 27.56 -7.82 -5.94
CA ALA A 344 27.62 -9.27 -5.97
C ALA A 344 27.57 -9.90 -4.59
N LEU A 345 27.89 -9.13 -3.54
CA LEU A 345 27.92 -9.68 -2.20
C LEU A 345 26.51 -9.85 -1.63
N LEU A 346 25.68 -8.82 -1.73
CA LEU A 346 24.29 -8.97 -1.31
C LEU A 346 23.55 -9.97 -2.19
N GLY A 347 23.89 -10.01 -3.48
CA GLY A 347 23.30 -11.00 -4.36
C GLY A 347 23.65 -12.43 -3.95
N SER A 348 24.91 -12.65 -3.57
CA SER A 348 25.30 -13.97 -3.08
C SER A 348 24.60 -14.29 -1.76
N LEU A 349 24.44 -13.29 -0.89
CA LEU A 349 23.74 -13.51 0.37
C LEU A 349 22.29 -13.92 0.13
N LEU A 350 21.62 -13.26 -0.81
CA LEU A 350 20.24 -13.62 -1.14
C LEU A 350 20.14 -14.86 -2.02
N GLY A 351 21.26 -15.34 -2.57
CA GLY A 351 21.23 -16.47 -3.48
C GLY A 351 21.47 -17.81 -2.82
N LYS A 352 21.30 -17.87 -1.50
CA LYS A 352 21.50 -19.10 -0.74
C LYS A 352 22.92 -19.65 -0.91
N THR A 353 23.90 -18.74 -0.89
CA THR A 353 25.31 -19.11 -1.04
C THR A 353 26.11 -18.90 0.23
N ILE A 354 26.09 -17.69 0.78
CA ILE A 354 26.74 -17.37 2.05
C ILE A 354 25.64 -17.15 3.08
N LEU A 355 25.72 -17.88 4.20
CA LEU A 355 24.66 -17.92 5.20
C LEU A 355 23.34 -18.25 4.52
N PRO A 356 23.16 -19.49 4.03
CA PRO A 356 21.99 -19.82 3.21
C PRO A 356 20.67 -19.62 3.92
N GLU A 357 20.45 -20.31 5.04
CA GLU A 357 19.21 -20.18 5.80
C GLU A 357 19.28 -18.91 6.63
N ALA A 358 18.97 -17.78 5.98
CA ALA A 358 18.99 -16.47 6.62
C ALA A 358 17.70 -15.74 6.30
N SER A 359 17.23 -14.93 7.24
CA SER A 359 16.02 -14.15 7.09
C SER A 359 16.38 -12.74 6.67
N PHE A 360 15.76 -12.26 5.59
CA PHE A 360 16.06 -10.95 5.01
C PHE A 360 14.83 -10.04 5.12
N LEU A 361 15.02 -8.85 5.68
CA LEU A 361 13.96 -7.86 5.79
C LEU A 361 14.11 -6.87 4.63
N ILE A 362 13.70 -7.32 3.45
CA ILE A 362 13.85 -6.52 2.24
C ILE A 362 12.73 -5.50 2.16
N THR A 363 13.08 -4.25 1.90
CA THR A 363 12.12 -3.17 1.71
C THR A 363 12.23 -2.65 0.29
N ALA A 364 11.09 -2.50 -0.38
CA ALA A 364 11.06 -2.06 -1.77
C ALA A 364 9.91 -1.07 -1.97
N ARG A 365 10.06 -0.24 -2.99
CA ARG A 365 9.04 0.74 -3.35
C ARG A 365 8.11 0.26 -4.46
N THR A 366 8.63 -0.47 -5.43
CA THR A 366 7.84 -0.99 -6.53
C THR A 366 8.02 -2.49 -6.64
N THR A 367 7.05 -3.15 -7.29
CA THR A 367 7.07 -4.59 -7.46
C THR A 367 8.00 -4.97 -8.60
N ALA A 368 7.90 -6.22 -9.06
CA ALA A 368 8.72 -6.76 -10.16
C ALA A 368 10.20 -6.71 -9.81
N LEU A 369 10.55 -7.42 -8.74
CA LEU A 369 11.93 -7.54 -8.28
C LEU A 369 12.62 -8.78 -8.80
N GLN A 370 12.02 -9.48 -9.78
CA GLN A 370 12.62 -10.70 -10.30
C GLN A 370 13.96 -10.41 -10.96
N ASN A 371 14.05 -9.31 -11.71
CA ASN A 371 15.32 -8.93 -12.32
C ASN A 371 16.35 -8.53 -11.28
N LEU A 372 15.91 -7.91 -10.18
CA LEU A 372 16.82 -7.40 -9.16
C LEU A 372 17.18 -8.45 -8.12
N ILE A 373 16.31 -9.42 -7.87
CA ILE A 373 16.53 -10.46 -6.86
C ILE A 373 16.73 -11.78 -7.59
N PRO A 374 17.86 -12.46 -7.40
CA PRO A 374 18.14 -13.69 -8.14
C PRO A 374 17.35 -14.87 -7.57
N SER A 375 16.50 -15.45 -8.40
CA SER A 375 15.69 -16.63 -8.04
C SER A 375 14.96 -16.41 -6.72
N LEU A 376 14.19 -15.33 -6.68
CA LEU A 376 13.43 -14.99 -5.48
C LEU A 376 12.42 -16.08 -5.13
N GLU A 377 11.58 -16.45 -6.11
CA GLU A 377 10.58 -17.50 -5.94
C GLU A 377 9.71 -17.25 -4.71
N GLN A 378 9.76 -18.16 -3.74
CA GLN A 378 8.95 -18.02 -2.54
C GLN A 378 9.43 -16.84 -1.72
N ALA A 379 8.49 -15.97 -1.34
CA ALA A 379 8.80 -14.80 -0.53
C ALA A 379 7.50 -14.27 0.06
N ARG A 380 7.60 -13.73 1.27
CA ARG A 380 6.45 -13.13 1.94
C ARG A 380 6.31 -11.68 1.51
N TRP A 381 5.17 -11.36 0.88
CA TRP A 381 4.94 -10.05 0.29
C TRP A 381 4.13 -9.21 1.27
N VAL A 382 4.82 -8.37 2.03
CA VAL A 382 4.19 -7.47 2.97
C VAL A 382 3.97 -6.12 2.30
N GLU A 383 2.75 -5.61 2.39
CA GLU A 383 2.41 -4.30 1.83
C GLU A 383 2.24 -3.34 3.00
N VAL A 384 3.11 -2.34 3.07
CA VAL A 384 3.12 -1.41 4.19
C VAL A 384 2.06 -0.34 3.95
N LEU A 385 1.16 -0.18 4.91
CA LEU A 385 0.15 0.86 4.87
C LEU A 385 0.62 2.06 5.70
N GLY A 386 -0.29 3.01 5.95
CA GLY A 386 0.05 4.20 6.70
C GLY A 386 -0.49 4.25 8.11
N PHE A 387 -1.10 5.37 8.46
CA PHE A 387 -1.58 5.63 9.82
C PHE A 387 -3.10 5.58 9.84
N SER A 388 -3.66 4.65 10.61
CA SER A 388 -5.11 4.56 10.76
C SER A 388 -5.61 5.65 11.72
N GLU A 389 -6.90 5.59 12.05
CA GLU A 389 -7.48 6.59 12.94
C GLU A 389 -6.80 6.61 14.30
N SER A 390 -6.60 5.45 14.90
CA SER A 390 -5.96 5.40 16.22
C SER A 390 -4.50 5.84 16.11
N SER A 391 -3.79 5.36 15.10
CA SER A 391 -2.39 5.73 14.91
C SER A 391 -2.26 7.22 14.59
N ARG A 392 -3.15 7.77 13.76
CA ARG A 392 -3.14 9.21 13.52
C ARG A 392 -3.44 9.98 14.78
N LYS A 393 -4.38 9.50 15.59
CA LYS A 393 -4.70 10.14 16.86
C LYS A 393 -3.47 10.24 17.74
N GLU A 394 -2.77 9.12 17.95
CA GLU A 394 -1.60 9.14 18.82
C GLU A 394 -0.45 9.93 18.20
N TYR A 395 -0.31 9.91 16.88
CA TYR A 395 0.79 10.65 16.25
C TYR A 395 0.56 12.16 16.35
N PHE A 396 -0.66 12.62 16.08
CA PHE A 396 -0.96 14.04 16.21
C PHE A 396 -0.90 14.48 17.67
N TYR A 397 -1.33 13.61 18.59
CA TYR A 397 -1.19 13.91 20.01
C TYR A 397 0.27 13.96 20.42
N ARG A 398 1.06 12.99 19.97
CA ARG A 398 2.48 12.89 20.33
C ARG A 398 3.37 13.59 19.30
N TYR A 399 3.09 14.85 19.04
CA TYR A 399 3.96 15.65 18.17
C TYR A 399 4.33 16.98 18.80
N PHE A 400 3.43 17.62 19.52
CA PHE A 400 3.65 18.89 20.16
C PHE A 400 3.85 18.70 21.66
N THR A 401 4.02 19.81 22.38
CA THR A 401 4.23 19.78 23.82
C THR A 401 2.99 20.17 24.60
N ASP A 402 2.29 21.21 24.17
CA ASP A 402 1.10 21.68 24.86
C ASP A 402 -0.14 20.98 24.29
N GLU A 403 -1.05 20.60 25.20
CA GLU A 403 -2.23 19.84 24.80
C GLU A 403 -3.16 20.67 23.92
N ARG A 404 -3.33 21.96 24.24
CA ARG A 404 -4.25 22.79 23.48
C ARG A 404 -3.80 22.95 22.02
N GLN A 405 -2.50 23.08 21.81
CA GLN A 405 -1.97 23.16 20.44
C GLN A 405 -2.36 21.94 19.64
N ALA A 406 -2.17 20.75 20.23
CA ALA A 406 -2.53 19.51 19.56
C ALA A 406 -4.03 19.41 19.34
N ILE A 407 -4.83 19.89 20.30
CA ILE A 407 -6.27 19.83 20.16
C ILE A 407 -6.74 20.67 18.98
N ARG A 408 -6.26 21.90 18.89
CA ARG A 408 -6.65 22.77 17.78
C ARG A 408 -6.12 22.23 16.45
N ALA A 409 -4.89 21.68 16.45
CA ALA A 409 -4.36 21.07 15.24
C ALA A 409 -5.23 19.92 14.77
N PHE A 410 -5.61 19.03 15.68
CA PHE A 410 -6.46 17.90 15.33
C PHE A 410 -7.83 18.37 14.85
N ARG A 411 -8.39 19.39 15.50
CA ARG A 411 -9.69 19.89 15.09
C ARG A 411 -9.66 20.43 13.66
N LEU A 412 -8.62 21.21 13.33
CA LEU A 412 -8.52 21.74 11.98
C LEU A 412 -8.28 20.62 10.96
N VAL A 413 -7.43 19.66 11.30
CA VAL A 413 -7.16 18.57 10.36
C VAL A 413 -8.41 17.74 10.11
N LYS A 414 -9.19 17.50 11.18
CA LYS A 414 -10.46 16.78 11.02
C LYS A 414 -11.45 17.60 10.20
N SER A 415 -11.43 18.93 10.34
CA SER A 415 -12.34 19.77 9.56
C SER A 415 -12.06 19.63 8.06
N ASN A 416 -10.78 19.61 7.67
CA ASN A 416 -10.40 19.43 6.28
C ASN A 416 -10.36 17.93 5.99
N LYS A 417 -11.45 17.43 5.40
CA LYS A 417 -11.63 15.99 5.25
C LYS A 417 -10.57 15.38 4.34
N GLU A 418 -10.23 16.06 3.24
CA GLU A 418 -9.25 15.53 2.31
C GLU A 418 -7.88 15.37 2.96
N LEU A 419 -7.52 16.30 3.86
CA LEU A 419 -6.28 16.13 4.61
C LEU A 419 -6.34 14.90 5.50
N TRP A 420 -7.50 14.62 6.10
CA TRP A 420 -7.65 13.39 6.87
C TRP A 420 -7.48 12.16 5.99
N ALA A 421 -8.01 12.20 4.77
CA ALA A 421 -7.84 11.07 3.87
C ALA A 421 -6.37 10.87 3.50
N LEU A 422 -5.65 11.98 3.25
CA LEU A 422 -4.28 11.88 2.76
C LEU A 422 -3.24 11.72 3.86
N CYS A 423 -3.61 11.96 5.12
CA CYS A 423 -2.65 11.86 6.22
C CYS A 423 -2.37 10.42 6.65
N LEU A 424 -2.83 9.42 5.88
CA LEU A 424 -2.44 8.05 6.16
C LEU A 424 -0.92 7.88 6.09
N VAL A 425 -0.32 8.42 5.04
CA VAL A 425 1.14 8.36 4.87
C VAL A 425 1.81 9.15 6.00
N PRO A 426 2.80 8.59 6.68
CA PRO A 426 3.50 9.36 7.73
C PRO A 426 4.14 10.64 7.20
N TRP A 427 4.57 10.65 5.95
CA TRP A 427 5.11 11.88 5.37
C TRP A 427 4.09 13.01 5.39
N VAL A 428 2.85 12.72 4.97
CA VAL A 428 1.83 13.77 4.90
C VAL A 428 1.52 14.30 6.28
N SER A 429 1.36 13.40 7.26
CA SER A 429 1.06 13.83 8.62
C SER A 429 2.21 14.66 9.20
N TRP A 430 3.45 14.22 8.99
CA TRP A 430 4.60 14.96 9.50
C TRP A 430 4.69 16.34 8.85
N LEU A 431 4.46 16.43 7.54
CA LEU A 431 4.50 17.71 6.86
C LEU A 431 3.41 18.64 7.35
N ALA A 432 2.20 18.10 7.55
CA ALA A 432 1.11 18.93 8.06
C ALA A 432 1.41 19.44 9.47
N CYS A 433 1.96 18.57 10.33
CA CYS A 433 2.30 18.99 11.69
C CYS A 433 3.41 20.04 11.67
N THR A 434 4.40 19.88 10.79
CA THR A 434 5.46 20.87 10.69
C THR A 434 4.91 22.21 10.21
N CYS A 435 3.99 22.18 9.23
CA CYS A 435 3.36 23.41 8.77
C CYS A 435 2.57 24.08 9.90
N LEU A 436 1.84 23.28 10.68
CA LEU A 436 1.09 23.82 11.80
C LEU A 436 2.00 24.47 12.83
N MET A 437 3.12 23.81 13.16
CA MET A 437 4.05 24.39 14.13
C MET A 437 4.69 25.66 13.60
N GLN A 438 5.07 25.67 12.31
CA GLN A 438 5.67 26.86 11.72
C GLN A 438 4.68 28.02 11.69
N GLN A 439 3.41 27.74 11.41
CA GLN A 439 2.39 28.78 11.49
C GLN A 439 2.26 29.31 12.91
N MET A 440 2.12 28.40 13.88
CA MET A 440 1.88 28.77 15.26
C MET A 440 3.10 29.35 15.94
N LYS A 441 4.26 29.33 15.29
CA LYS A 441 5.51 29.75 15.92
C LYS A 441 5.45 31.18 16.45
N ARG A 442 5.38 32.17 15.56
CA ARG A 442 5.39 33.57 16.01
C ARG A 442 3.98 34.06 16.33
N LYS A 443 3.16 34.30 15.30
CA LYS A 443 1.79 34.77 15.47
C LYS A 443 1.03 34.49 14.18
N GLU A 444 0.23 33.43 14.16
CA GLU A 444 -0.62 33.14 13.02
C GLU A 444 -1.85 32.36 13.47
N LYS A 445 -2.91 32.45 12.66
CA LYS A 445 -4.09 31.61 12.81
C LYS A 445 -4.01 30.46 11.83
N LEU A 446 -4.37 29.27 12.28
CA LEU A 446 -4.22 28.06 11.48
C LEU A 446 -5.21 28.08 10.32
N THR A 447 -4.70 27.99 9.10
CA THR A 447 -5.53 27.99 7.89
C THR A 447 -4.91 27.04 6.88
N LEU A 448 -5.61 25.95 6.56
CA LEU A 448 -5.15 24.95 5.60
C LEU A 448 -6.27 24.67 4.61
N THR A 449 -6.21 25.35 3.46
CA THR A 449 -7.09 25.05 2.34
C THR A 449 -6.55 23.96 1.44
N SER A 450 -5.37 23.42 1.75
CA SER A 450 -4.75 22.38 0.94
C SER A 450 -5.59 21.11 0.98
N LYS A 451 -5.82 20.53 -0.20
CA LYS A 451 -6.56 19.27 -0.31
C LYS A 451 -5.79 18.22 -1.08
N THR A 452 -4.49 18.41 -1.29
CA THR A 452 -3.67 17.43 -2.00
C THR A 452 -2.22 17.59 -1.53
N THR A 453 -1.43 16.56 -1.81
CA THR A 453 -0.04 16.54 -1.34
C THR A 453 0.78 17.66 -1.97
N THR A 454 0.60 17.91 -3.27
CA THR A 454 1.38 18.93 -3.94
C THR A 454 1.08 20.32 -3.39
N THR A 455 -0.20 20.62 -3.15
CA THR A 455 -0.55 21.92 -2.61
C THR A 455 0.02 22.11 -1.20
N LEU A 456 -0.01 21.04 -0.40
CA LEU A 456 0.60 21.10 0.93
C LEU A 456 2.10 21.34 0.84
N CYS A 457 2.77 20.69 -0.11
CA CYS A 457 4.20 20.90 -0.29
C CYS A 457 4.51 22.34 -0.70
N LEU A 458 3.71 22.90 -1.62
CA LEU A 458 3.90 24.29 -2.01
C LEU A 458 3.63 25.23 -0.84
N HIS A 459 2.63 24.93 -0.02
CA HIS A 459 2.35 25.78 1.13
C HIS A 459 3.49 25.74 2.13
N TYR A 460 4.07 24.55 2.36
CA TYR A 460 5.23 24.43 3.22
C TYR A 460 6.41 25.22 2.65
N LEU A 461 6.63 25.13 1.35
CA LEU A 461 7.73 25.88 0.73
C LEU A 461 7.51 27.39 0.88
N ALA A 462 6.26 27.84 0.71
CA ALA A 462 5.95 29.25 0.90
C ALA A 462 6.21 29.69 2.34
N GLN A 463 5.84 28.84 3.31
CA GLN A 463 6.16 29.16 4.69
C GLN A 463 7.66 29.25 4.91
N ALA A 464 8.42 28.33 4.33
CA ALA A 464 9.88 28.41 4.41
C ALA A 464 10.39 29.63 3.66
N LEU A 465 9.82 29.92 2.50
CA LEU A 465 10.20 31.09 1.70
C LEU A 465 9.39 32.32 2.12
N GLN A 466 9.56 32.69 3.38
CA GLN A 466 8.96 33.93 3.87
C GLN A 466 9.67 35.11 3.23
N ALA A 467 8.91 35.93 2.50
CA ALA A 467 9.47 36.94 1.61
C ALA A 467 10.50 36.33 0.67
N GLN A 468 11.76 36.75 0.80
CA GLN A 468 12.85 36.28 -0.04
C GLN A 468 12.50 36.37 -1.52
N PRO A 469 12.50 37.58 -2.09
CA PRO A 469 12.11 37.73 -3.50
C PRO A 469 13.01 36.98 -4.48
N LEU A 470 14.20 36.56 -4.05
CA LEU A 470 15.10 35.83 -4.94
C LEU A 470 14.46 34.53 -5.42
N GLY A 471 14.52 34.31 -6.73
CA GLY A 471 13.94 33.13 -7.34
C GLY A 471 14.88 32.20 -8.09
N PRO A 472 15.92 32.74 -8.76
CA PRO A 472 16.85 31.85 -9.46
C PRO A 472 17.56 30.83 -8.57
N GLN A 473 17.79 31.17 -7.30
CA GLN A 473 18.46 30.23 -6.40
C GLN A 473 17.65 28.96 -6.20
N LEU A 474 16.33 29.12 -6.01
CA LEU A 474 15.47 27.94 -5.85
C LEU A 474 15.42 27.13 -7.15
N ARG A 475 15.43 27.82 -8.30
CA ARG A 475 15.47 27.11 -9.58
C ARG A 475 16.76 26.30 -9.71
N ASP A 476 17.89 26.87 -9.30
CA ASP A 476 19.15 26.15 -9.34
C ASP A 476 19.14 24.96 -8.38
N LEU A 477 18.53 25.12 -7.21
CA LEU A 477 18.40 23.99 -6.29
C LEU A 477 17.54 22.88 -6.89
N CYS A 478 16.45 23.26 -7.56
CA CYS A 478 15.62 22.26 -8.25
C CYS A 478 16.42 21.57 -9.35
N SER A 479 17.23 22.33 -10.08
CA SER A 479 18.05 21.75 -11.15
C SER A 479 19.05 20.74 -10.59
N LEU A 480 19.71 21.09 -9.47
CA LEU A 480 20.67 20.15 -8.88
C LEU A 480 19.95 18.91 -8.34
N ALA A 481 18.76 19.09 -7.77
CA ALA A 481 18.00 17.94 -7.31
C ALA A 481 17.64 17.01 -8.47
N ALA A 482 17.21 17.58 -9.60
CA ALA A 482 16.89 16.77 -10.77
C ALA A 482 18.13 16.06 -11.29
N GLU A 483 19.27 16.76 -11.35
CA GLU A 483 20.50 16.14 -11.81
C GLU A 483 20.92 15.00 -10.90
N GLY A 484 20.80 15.19 -9.58
CA GLY A 484 21.15 14.13 -8.66
C GLY A 484 20.23 12.93 -8.76
N ILE A 485 18.91 13.16 -8.86
CA ILE A 485 17.99 12.04 -8.98
C ILE A 485 18.15 11.34 -10.33
N TRP A 486 18.66 12.04 -11.35
CA TRP A 486 18.90 11.38 -12.62
C TRP A 486 19.97 10.30 -12.49
N GLN A 487 21.14 10.65 -11.93
CA GLN A 487 22.21 9.69 -11.75
C GLN A 487 22.21 9.06 -10.37
N LYS A 488 21.03 8.61 -9.93
CA LYS A 488 20.84 7.86 -8.68
C LYS A 488 21.67 8.43 -7.54
N LYS A 489 21.56 9.74 -7.32
CA LYS A 489 22.35 10.43 -6.31
C LYS A 489 21.44 11.27 -5.41
N THR A 490 21.72 11.23 -4.11
CA THR A 490 21.00 12.05 -3.15
C THR A 490 21.98 12.86 -2.31
N LEU A 491 23.15 12.27 -2.01
CA LEU A 491 24.18 12.93 -1.24
C LEU A 491 25.02 13.78 -2.19
N PHE A 492 24.74 15.07 -2.24
CA PHE A 492 25.40 15.97 -3.17
C PHE A 492 26.79 16.35 -2.68
N SER A 493 27.78 16.17 -3.53
CA SER A 493 29.14 16.60 -3.20
C SER A 493 29.23 18.12 -3.25
N PRO A 494 30.15 18.71 -2.48
CA PRO A 494 30.28 20.18 -2.49
C PRO A 494 30.62 20.75 -3.86
N ASP A 495 31.41 20.04 -4.66
CA ASP A 495 31.78 20.57 -5.98
C ASP A 495 30.59 20.58 -6.93
N ASP A 496 29.63 19.69 -6.73
CA ASP A 496 28.42 19.69 -7.56
C ASP A 496 27.58 20.94 -7.34
N LEU A 497 27.73 21.59 -6.18
CA LEU A 497 26.96 22.80 -5.92
C LEU A 497 27.47 23.99 -6.72
N ARG A 498 28.80 24.06 -6.91
CA ARG A 498 29.38 25.20 -7.62
C ARG A 498 28.99 25.20 -9.10
N LYS A 499 29.00 24.02 -9.74
CA LYS A 499 28.68 23.94 -11.16
C LYS A 499 27.23 24.29 -11.44
N HIS A 500 26.36 24.24 -10.44
CA HIS A 500 24.94 24.56 -10.61
C HIS A 500 24.62 26.00 -10.21
N GLY A 501 25.62 26.79 -9.82
CA GLY A 501 25.43 28.19 -9.53
C GLY A 501 25.35 28.53 -8.06
N LEU A 502 25.16 27.55 -7.18
CA LEU A 502 25.03 27.83 -5.76
C LEU A 502 26.38 28.20 -5.14
N ASP A 503 26.32 29.08 -4.15
CA ASP A 503 27.52 29.53 -3.45
C ASP A 503 27.37 29.36 -1.95
N GLY A 504 28.28 29.95 -1.17
CA GLY A 504 28.23 29.80 0.27
C GLY A 504 27.00 30.45 0.89
N ALA A 505 26.65 31.65 0.44
CA ALA A 505 25.51 32.36 1.01
C ALA A 505 24.20 31.63 0.71
N ILE A 506 24.06 31.11 -0.51
CA ILE A 506 22.85 30.39 -0.88
C ILE A 506 22.68 29.15 -0.01
N ILE A 507 23.77 28.40 0.18
CA ILE A 507 23.73 27.21 1.02
C ILE A 507 23.41 27.59 2.47
N SER A 508 24.01 28.69 2.95
CA SER A 508 23.74 29.13 4.31
C SER A 508 22.26 29.46 4.50
N THR A 509 21.67 30.17 3.53
CA THR A 509 20.24 30.49 3.63
C THR A 509 19.39 29.23 3.59
N PHE A 510 19.75 28.28 2.72
CA PHE A 510 18.96 27.06 2.61
C PHE A 510 19.02 26.23 3.89
N LEU A 511 20.20 26.15 4.51
CA LEU A 511 20.29 25.52 5.83
C LEU A 511 19.51 26.30 6.88
N LYS A 512 19.53 27.62 6.81
CA LYS A 512 18.82 28.44 7.79
C LYS A 512 17.32 28.17 7.73
N MET A 513 16.76 28.09 6.51
CA MET A 513 15.33 27.82 6.37
C MET A 513 15.00 26.37 6.71
N GLY A 514 15.82 25.42 6.21
CA GLY A 514 15.64 24.03 6.58
C GLY A 514 15.41 23.07 5.43
N ILE A 515 15.52 23.55 4.19
CA ILE A 515 15.41 22.64 3.05
C ILE A 515 16.58 21.67 3.02
N LEU A 516 17.78 22.14 3.34
CA LEU A 516 18.98 21.33 3.38
C LEU A 516 19.38 21.06 4.82
N GLN A 517 20.10 19.96 5.03
CA GLN A 517 20.60 19.59 6.35
C GLN A 517 22.09 19.25 6.25
N GLU A 518 22.79 19.50 7.35
CA GLU A 518 24.22 19.20 7.47
C GLU A 518 24.40 18.11 8.52
N HIS A 519 25.08 17.03 8.13
CA HIS A 519 25.32 15.87 8.96
C HIS A 519 26.69 15.94 9.61
N PRO A 520 26.92 15.19 10.70
CA PRO A 520 28.28 15.09 11.24
C PRO A 520 29.19 14.25 10.34
N ILE A 521 29.33 14.69 9.10
CA ILE A 521 30.07 14.01 8.05
C ILE A 521 31.00 15.06 7.45
N PRO A 522 32.20 14.71 6.97
CA PRO A 522 33.01 15.70 6.26
C PRO A 522 32.27 16.29 5.07
N LEU A 523 32.78 17.42 4.59
CA LEU A 523 32.03 18.37 3.77
C LEU A 523 31.19 17.70 2.70
N SER A 524 29.88 17.89 2.80
CA SER A 524 28.90 17.34 1.87
C SER A 524 27.55 17.94 2.23
N TYR A 525 26.58 17.77 1.34
CA TYR A 525 25.24 18.32 1.56
C TYR A 525 24.21 17.40 0.93
N SER A 526 23.03 17.36 1.54
CA SER A 526 21.93 16.54 1.05
C SER A 526 20.62 17.08 1.61
N PHE A 527 19.52 16.65 1.00
CA PHE A 527 18.20 17.04 1.47
C PHE A 527 17.84 16.26 2.74
N ILE A 528 16.75 16.68 3.39
CA ILE A 528 16.32 16.02 4.61
C ILE A 528 15.48 14.78 4.35
N HIS A 529 15.00 14.59 3.12
CA HIS A 529 14.29 13.38 2.76
C HIS A 529 14.33 13.23 1.24
N LEU A 530 14.17 11.98 0.80
CA LEU A 530 14.16 11.69 -0.63
C LEU A 530 12.92 12.29 -1.29
N CYS A 531 11.80 12.36 -0.56
CA CYS A 531 10.57 12.89 -1.12
C CYS A 531 10.71 14.37 -1.47
N PHE A 532 11.37 15.15 -0.62
CA PHE A 532 11.64 16.55 -0.97
C PHE A 532 12.57 16.66 -2.17
N GLN A 533 13.54 15.75 -2.28
CA GLN A 533 14.38 15.74 -3.46
C GLN A 533 13.57 15.48 -4.72
N GLU A 534 12.61 14.55 -4.63
CA GLU A 534 11.72 14.27 -5.76
C GLU A 534 10.85 15.48 -6.09
N PHE A 535 10.35 16.16 -5.04
CA PHE A 535 9.52 17.35 -5.23
C PHE A 535 10.29 18.45 -5.93
N PHE A 536 11.55 18.67 -5.55
CA PHE A 536 12.37 19.69 -6.20
C PHE A 536 12.85 19.26 -7.57
N ALA A 537 12.97 17.95 -7.83
CA ALA A 537 13.26 17.49 -9.18
C ALA A 537 12.06 17.63 -10.09
N ALA A 538 10.86 17.75 -9.51
CA ALA A 538 9.67 17.98 -10.30
C ALA A 538 9.52 19.43 -10.76
N MET A 539 10.03 20.40 -9.99
CA MET A 539 9.89 21.80 -10.35
C MET A 539 10.89 22.26 -11.40
N SER A 540 12.07 21.64 -11.47
CA SER A 540 13.06 22.06 -12.45
C SER A 540 12.57 21.80 -13.87
N TYR A 541 11.87 20.68 -14.08
CA TYR A 541 11.36 20.36 -15.40
C TYR A 541 10.35 21.40 -15.87
N VAL A 542 9.45 21.83 -15.00
CA VAL A 542 8.47 22.83 -15.40
C VAL A 542 9.13 24.19 -15.55
N LEU A 543 10.19 24.46 -14.80
CA LEU A 543 10.88 25.75 -14.94
C LEU A 543 11.79 25.80 -16.16
N GLU A 544 12.18 24.66 -16.73
CA GLU A 544 13.04 24.67 -17.90
C GLU A 544 12.32 24.32 -19.20
N ASP A 545 11.20 23.61 -19.14
CA ASP A 545 10.50 23.21 -20.36
C ASP A 545 9.93 24.42 -21.10
N GLU A 546 9.31 25.34 -20.36
CA GLU A 546 8.68 26.51 -20.97
C GLU A 546 9.73 27.49 -21.49
N LYS A 561 5.08 12.63 -22.67
CA LYS A 561 4.90 11.21 -22.91
C LYS A 561 5.95 10.45 -22.09
N THR A 562 5.76 9.13 -21.94
CA THR A 562 6.60 8.34 -21.04
C THR A 562 8.08 8.40 -21.44
N LEU A 563 8.36 8.64 -22.73
CA LEU A 563 9.75 8.76 -23.16
C LEU A 563 10.42 9.97 -22.52
N GLU A 564 9.69 11.09 -22.41
CA GLU A 564 10.23 12.28 -21.76
C GLU A 564 10.42 12.10 -20.26
N ALA A 565 9.82 11.06 -19.66
CA ALA A 565 9.99 10.77 -18.24
C ALA A 565 11.12 9.78 -17.98
N TYR A 566 12.12 9.73 -18.85
CA TYR A 566 13.23 8.80 -18.67
C TYR A 566 14.04 9.15 -17.42
N GLY A 567 14.26 10.44 -17.17
CA GLY A 567 15.04 10.84 -16.02
C GLY A 567 14.43 10.44 -14.69
N ILE A 568 13.10 10.47 -14.61
CA ILE A 568 12.42 10.12 -13.36
C ILE A 568 12.03 8.65 -13.35
N HIS A 569 11.67 8.09 -14.51
CA HIS A 569 11.33 6.68 -14.69
C HIS A 569 10.14 6.25 -13.84
N GLY A 570 9.72 5.00 -13.97
CA GLY A 570 8.62 4.49 -13.18
C GLY A 570 7.30 5.14 -13.52
N LEU A 571 6.78 4.85 -14.72
CA LEU A 571 5.50 5.41 -15.16
C LEU A 571 4.41 5.10 -14.15
N PHE A 572 3.90 6.15 -13.49
CA PHE A 572 2.85 6.06 -12.49
C PHE A 572 3.34 5.37 -11.22
N GLY A 573 4.59 4.90 -11.24
CA GLY A 573 5.16 4.24 -10.08
C GLY A 573 6.20 5.08 -9.38
N ALA A 574 6.16 6.38 -9.61
CA ALA A 574 7.09 7.32 -9.00
C ALA A 574 6.34 8.59 -8.62
N SER A 575 6.57 9.07 -7.40
CA SER A 575 5.92 10.29 -6.96
C SER A 575 6.41 11.52 -7.72
N THR A 576 7.50 11.38 -8.47
CA THR A 576 7.92 12.44 -9.39
C THR A 576 6.80 12.78 -10.36
N THR A 577 6.20 11.76 -10.97
CA THR A 577 5.10 11.98 -11.89
C THR A 577 3.91 12.61 -11.17
N ARG A 578 3.64 12.17 -9.94
CA ARG A 578 2.51 12.70 -9.19
C ARG A 578 2.67 14.20 -8.95
N PHE A 579 3.82 14.61 -8.41
CA PHE A 579 4.05 16.03 -8.16
C PHE A 579 4.12 16.83 -9.45
N LEU A 580 4.75 16.28 -10.49
CA LEU A 580 4.85 17.00 -11.76
C LEU A 580 3.47 17.24 -12.36
N LEU A 581 2.59 16.24 -12.30
CA LEU A 581 1.24 16.40 -12.81
C LEU A 581 0.45 17.38 -11.97
N GLY A 582 0.50 17.23 -10.63
CA GLY A 582 -0.26 18.12 -9.76
C GLY A 582 0.22 19.55 -9.79
N LEU A 583 1.47 19.79 -10.19
CA LEU A 583 1.99 21.14 -10.28
C LEU A 583 1.45 21.90 -11.47
N LEU A 584 0.86 21.22 -12.46
CA LEU A 584 0.34 21.87 -13.65
C LEU A 584 -1.16 22.19 -13.56
N SER A 585 -1.79 21.91 -12.43
CA SER A 585 -3.20 22.20 -12.27
C SER A 585 -3.41 23.69 -12.04
N ASP A 586 -4.69 24.09 -12.06
CA ASP A 586 -5.02 25.48 -11.75
C ASP A 586 -4.63 25.83 -10.32
N GLU A 587 -4.90 24.92 -9.37
CA GLU A 587 -4.42 25.11 -8.02
C GLU A 587 -2.91 24.92 -7.94
N GLY A 588 -2.37 23.98 -8.73
CA GLY A 588 -0.93 23.78 -8.75
C GLY A 588 -0.18 24.97 -9.31
N GLU A 589 -0.69 25.55 -10.40
CA GLU A 589 -0.10 26.75 -10.99
C GLU A 589 -0.72 28.02 -10.40
N ARG A 590 -0.80 28.05 -9.08
CA ARG A 590 -1.31 29.21 -8.36
C ARG A 590 -0.35 29.71 -7.30
N GLU A 591 0.39 28.81 -6.65
CA GLU A 591 1.35 29.20 -5.61
C GLU A 591 2.74 29.41 -6.16
N MET A 592 3.11 28.70 -7.25
CA MET A 592 4.42 28.92 -7.86
C MET A 592 4.54 30.33 -8.42
N GLU A 593 3.44 30.94 -8.82
CA GLU A 593 3.47 32.29 -9.39
C GLU A 593 3.79 33.36 -8.36
N ASN A 594 3.76 33.01 -7.06
CA ASN A 594 4.16 33.95 -6.02
C ASN A 594 5.65 33.84 -5.71
N ILE A 595 6.19 32.62 -5.65
CA ILE A 595 7.62 32.44 -5.44
C ILE A 595 8.40 32.94 -6.64
N PHE A 596 7.98 32.55 -7.84
CA PHE A 596 8.64 32.97 -9.07
C PHE A 596 7.78 34.04 -9.75
N HIS A 597 8.42 35.14 -10.14
CA HIS A 597 7.72 36.27 -10.75
C HIS A 597 7.34 36.01 -12.20
N CYS A 598 7.64 34.84 -12.75
CA CYS A 598 7.26 34.52 -14.11
C CYS A 598 5.80 34.10 -14.17
N ARG A 599 5.10 34.58 -15.22
CA ARG A 599 3.68 34.27 -15.36
C ARG A 599 3.46 32.77 -15.58
N LEU A 600 4.21 32.19 -16.52
CA LEU A 600 4.21 30.75 -16.81
C LEU A 600 2.99 30.38 -17.65
N SER A 601 2.95 29.13 -18.11
CA SER A 601 1.85 28.68 -18.97
C SER A 601 0.52 28.70 -18.23
N GLN A 602 -0.55 28.91 -18.98
CA GLN A 602 -1.92 28.94 -18.45
C GLN A 602 -2.69 27.74 -19.00
N GLY A 603 -2.56 26.60 -18.32
CA GLY A 603 -3.38 25.44 -18.62
C GLY A 603 -3.03 24.66 -19.87
N ARG A 604 -2.32 25.29 -20.81
CA ARG A 604 -1.96 24.58 -22.04
C ARG A 604 -0.80 23.61 -21.84
N ASN A 605 0.05 23.84 -20.84
CA ASN A 605 1.09 22.87 -20.50
C ASN A 605 0.51 21.58 -19.93
N LEU A 606 -0.75 21.60 -19.47
CA LEU A 606 -1.45 20.40 -19.07
C LEU A 606 -2.34 19.86 -20.18
N MET A 607 -2.88 20.73 -21.03
CA MET A 607 -3.67 20.30 -22.17
C MET A 607 -2.82 19.45 -23.13
N GLN A 608 -1.56 19.83 -23.33
CA GLN A 608 -0.68 19.05 -24.18
C GLN A 608 -0.26 17.73 -23.54
N TRP A 609 -0.32 17.64 -22.20
CA TRP A 609 -0.07 16.39 -21.51
C TRP A 609 -1.26 15.43 -21.62
N VAL A 610 -2.44 15.96 -21.95
CA VAL A 610 -3.63 15.12 -22.03
C VAL A 610 -3.48 14.01 -23.06
N PRO A 611 -3.10 14.27 -24.32
CA PRO A 611 -2.97 13.16 -25.27
C PRO A 611 -1.91 12.14 -24.85
N SER A 612 -0.81 12.60 -24.26
CA SER A 612 0.23 11.68 -23.82
C SER A 612 -0.30 10.73 -22.75
N LEU A 613 -0.92 11.27 -21.72
CA LEU A 613 -1.47 10.42 -20.67
C LEU A 613 -2.59 9.52 -21.21
N GLN A 614 -3.46 10.08 -22.05
CA GLN A 614 -4.55 9.29 -22.62
C GLN A 614 -4.03 8.12 -23.44
N LEU A 615 -2.91 8.31 -24.13
CA LEU A 615 -2.29 7.19 -24.85
C LEU A 615 -1.58 6.23 -23.92
N LEU A 616 -1.10 6.71 -22.77
CA LEU A 616 -0.38 5.86 -21.83
C LEU A 616 -1.22 5.38 -20.66
N LEU A 617 -2.55 5.53 -20.74
CA LEU A 617 -3.44 5.07 -19.67
C LEU A 617 -4.45 4.02 -20.13
N GLN A 618 -4.15 3.30 -21.21
CA GLN A 618 -5.01 2.16 -21.56
C GLN A 618 -5.04 1.11 -20.47
N PRO A 619 -3.91 0.67 -19.88
CA PRO A 619 -4.01 -0.19 -18.68
C PRO A 619 -4.23 0.62 -17.40
N HIS A 620 -5.49 0.96 -17.13
CA HIS A 620 -5.82 1.76 -15.96
C HIS A 620 -5.45 1.02 -14.69
N SER A 621 -4.92 1.76 -13.71
CA SER A 621 -4.47 1.18 -12.46
C SER A 621 -4.66 2.19 -11.33
N LEU A 622 -4.42 1.74 -10.09
CA LEU A 622 -4.63 2.58 -8.93
C LEU A 622 -3.61 3.70 -8.84
N GLU A 623 -2.34 3.39 -9.08
CA GLU A 623 -1.30 4.42 -9.02
C GLU A 623 -1.56 5.50 -10.06
N SER A 624 -2.02 5.09 -11.25
CA SER A 624 -2.46 6.04 -12.24
C SER A 624 -3.61 6.89 -11.72
N LEU A 625 -4.50 6.30 -10.91
CA LEU A 625 -5.60 7.07 -10.34
C LEU A 625 -5.09 8.14 -9.38
N HIS A 626 -4.09 7.80 -8.55
CA HIS A 626 -3.47 8.82 -7.70
C HIS A 626 -2.85 9.92 -8.55
N CYS A 627 -2.13 9.53 -9.60
CA CYS A 627 -1.46 10.52 -10.45
C CYS A 627 -2.46 11.47 -11.09
N LEU A 628 -3.59 10.93 -11.55
CA LEU A 628 -4.61 11.76 -12.21
C LEU A 628 -5.42 12.58 -11.20
N TYR A 629 -5.66 12.03 -10.01
CA TYR A 629 -6.33 12.80 -8.96
C TYR A 629 -5.48 13.98 -8.50
N GLU A 630 -4.14 13.82 -8.55
CA GLU A 630 -3.28 14.93 -8.18
C GLU A 630 -3.56 16.17 -9.01
N THR A 631 -4.09 15.98 -10.22
CA THR A 631 -4.53 17.06 -11.09
C THR A 631 -6.03 17.25 -10.88
N ARG A 632 -6.38 18.10 -9.92
CA ARG A 632 -7.79 18.33 -9.58
C ARG A 632 -8.35 19.38 -10.54
N ASN A 633 -8.68 18.92 -11.75
CA ASN A 633 -9.22 19.79 -12.79
C ASN A 633 -10.40 19.11 -13.46
N LYS A 634 -11.50 19.85 -13.60
CA LYS A 634 -12.63 19.37 -14.39
C LYS A 634 -12.26 19.26 -15.87
N THR A 635 -11.54 20.27 -16.39
CA THR A 635 -11.18 20.27 -17.79
C THR A 635 -10.27 19.11 -18.14
N PHE A 636 -9.36 18.73 -17.24
CA PHE A 636 -8.44 17.65 -17.52
C PHE A 636 -9.09 16.29 -17.32
N LEU A 637 -9.67 16.04 -16.14
CA LEU A 637 -10.26 14.75 -15.86
C LEU A 637 -11.63 14.61 -16.51
N THR A 638 -11.71 14.80 -17.82
CA THR A 638 -12.91 14.52 -18.59
C THR A 638 -12.61 13.81 -19.90
N GLN A 639 -11.40 13.94 -20.44
CA GLN A 639 -10.97 13.17 -21.60
C GLN A 639 -9.89 12.15 -21.28
N VAL A 640 -9.17 12.34 -20.18
CA VAL A 640 -8.14 11.39 -19.79
C VAL A 640 -8.72 10.19 -19.05
N MET A 641 -9.91 10.32 -18.47
CA MET A 641 -10.52 9.25 -17.69
C MET A 641 -11.85 8.80 -18.29
N ALA A 642 -12.30 9.41 -19.39
CA ALA A 642 -13.50 8.92 -20.05
C ALA A 642 -13.15 7.75 -20.96
N HIS A 643 -12.35 6.82 -20.44
CA HIS A 643 -12.07 5.53 -21.07
C HIS A 643 -12.03 4.46 -19.99
N PHE A 644 -12.37 4.82 -18.76
CA PHE A 644 -12.24 3.90 -17.65
C PHE A 644 -13.35 2.87 -17.77
N GLU A 645 -13.20 1.95 -18.70
CA GLU A 645 -14.16 0.87 -18.89
C GLU A 645 -13.67 -0.39 -18.17
N GLU A 646 -13.55 -0.25 -16.85
CA GLU A 646 -13.14 -1.37 -16.01
C GLU A 646 -14.35 -2.18 -15.58
N MET A 647 -14.13 -3.11 -14.65
CA MET A 647 -15.18 -4.00 -14.19
C MET A 647 -15.21 -4.01 -12.66
N GLY A 648 -14.10 -3.63 -12.06
CA GLY A 648 -13.94 -3.56 -10.62
C GLY A 648 -12.48 -3.59 -10.24
N MET A 649 -12.21 -3.21 -9.00
CA MET A 649 -10.82 -3.19 -8.52
C MET A 649 -10.83 -3.15 -7.00
N CYS A 650 -9.63 -3.22 -6.43
CA CYS A 650 -9.45 -3.28 -4.98
C CYS A 650 -9.24 -1.88 -4.41
N VAL A 651 -9.92 -1.60 -3.31
CA VAL A 651 -9.76 -0.36 -2.56
C VAL A 651 -9.26 -0.73 -1.17
N GLU A 652 -8.12 -0.16 -0.78
CA GLU A 652 -7.46 -0.52 0.47
C GLU A 652 -7.47 0.60 1.51
N THR A 653 -7.20 1.83 1.12
CA THR A 653 -6.98 2.91 2.08
C THR A 653 -8.01 4.02 1.90
N ASP A 654 -8.00 4.95 2.86
CA ASP A 654 -8.90 6.09 2.81
C ASP A 654 -8.57 7.01 1.64
N MET A 655 -7.29 7.33 1.42
CA MET A 655 -6.94 8.16 0.28
C MET A 655 -7.22 7.44 -1.02
N GLU A 656 -7.01 6.12 -1.06
CA GLU A 656 -7.34 5.37 -2.27
C GLU A 656 -8.83 5.40 -2.54
N LEU A 657 -9.66 5.27 -1.50
CA LEU A 657 -11.11 5.37 -1.71
C LEU A 657 -11.50 6.75 -2.20
N LEU A 658 -10.93 7.81 -1.62
CA LEU A 658 -11.23 9.15 -2.07
C LEU A 658 -10.82 9.35 -3.52
N VAL A 659 -9.63 8.86 -3.88
CA VAL A 659 -9.14 8.98 -5.25
C VAL A 659 -10.03 8.22 -6.21
N CYS A 660 -10.42 7.00 -5.85
CA CYS A 660 -11.31 6.22 -6.71
C CYS A 660 -12.63 6.91 -6.92
N THR A 661 -13.24 7.42 -5.84
CA THR A 661 -14.51 8.13 -6.00
C THR A 661 -14.36 9.37 -6.87
N PHE A 662 -13.31 10.15 -6.63
CA PHE A 662 -13.10 11.38 -7.39
C PHE A 662 -12.86 11.09 -8.87
N CYS A 663 -12.06 10.07 -9.18
CA CYS A 663 -11.72 9.77 -10.57
C CYS A 663 -12.89 9.10 -11.30
N ILE A 664 -13.57 8.15 -10.64
CA ILE A 664 -14.70 7.48 -11.27
C ILE A 664 -15.83 8.47 -11.51
N LYS A 665 -16.00 9.43 -10.58
CA LYS A 665 -17.00 10.46 -10.78
C LYS A 665 -16.72 11.26 -12.05
N PHE A 666 -15.46 11.64 -12.26
CA PHE A 666 -15.08 12.43 -13.43
C PHE A 666 -14.91 11.53 -14.67
N SER A 667 -16.00 10.90 -15.06
CA SER A 667 -16.06 10.08 -16.26
C SER A 667 -17.49 10.10 -16.79
N ARG A 668 -17.78 9.27 -17.78
CA ARG A 668 -19.12 9.28 -18.37
C ARG A 668 -19.79 7.92 -18.40
N HIS A 669 -19.02 6.83 -18.57
CA HIS A 669 -19.63 5.52 -18.75
C HIS A 669 -20.28 5.01 -17.47
N VAL A 670 -19.66 5.27 -16.32
CA VAL A 670 -20.13 4.69 -15.07
C VAL A 670 -21.46 5.30 -14.66
N LYS A 671 -22.39 4.45 -14.21
CA LYS A 671 -23.65 4.86 -13.63
C LYS A 671 -23.81 4.20 -12.27
N LYS A 672 -23.25 3.01 -12.12
CA LYS A 672 -23.42 2.16 -10.96
C LYS A 672 -22.11 2.12 -10.17
N LEU A 673 -22.18 2.46 -8.89
CA LEU A 673 -21.04 2.36 -7.97
C LEU A 673 -21.45 1.49 -6.80
N GLN A 674 -20.70 0.42 -6.56
CA GLN A 674 -21.05 -0.58 -5.55
C GLN A 674 -19.86 -0.84 -4.64
N LEU A 675 -20.13 -0.93 -3.34
CA LEU A 675 -19.13 -1.27 -2.34
C LEU A 675 -19.59 -2.51 -1.60
N ILE A 676 -18.68 -3.47 -1.43
CA ILE A 676 -18.98 -4.75 -0.79
C ILE A 676 -17.87 -5.06 0.21
N GLU A 677 -18.20 -5.94 1.15
CA GLU A 677 -17.23 -6.43 2.13
C GLU A 677 -16.37 -7.54 1.55
N GLY A 678 -16.69 -8.02 0.36
CA GLY A 678 -15.86 -8.99 -0.34
C GLY A 678 -16.14 -10.45 -0.10
N ARG A 679 -16.29 -10.85 1.17
CA ARG A 679 -16.69 -12.22 1.47
C ARG A 679 -18.09 -12.50 0.92
N GLN A 680 -18.98 -11.52 1.02
CA GLN A 680 -20.32 -11.62 0.44
C GLN A 680 -20.35 -11.00 -0.96
N HIS A 681 -19.48 -11.51 -1.82
CA HIS A 681 -19.32 -10.99 -3.17
C HIS A 681 -20.43 -11.52 -4.06
N ARG A 682 -21.37 -10.65 -4.42
CA ARG A 682 -22.47 -11.01 -5.32
C ARG A 682 -22.73 -9.79 -6.22
N SER A 683 -22.20 -9.83 -7.44
CA SER A 683 -22.36 -8.72 -8.36
C SER A 683 -22.39 -9.25 -9.79
N THR A 684 -22.97 -8.46 -10.68
CA THR A 684 -23.10 -8.82 -12.08
C THR A 684 -21.90 -8.31 -12.87
N TRP A 685 -21.96 -8.40 -14.19
CA TRP A 685 -20.86 -8.05 -15.07
C TRP A 685 -21.23 -6.90 -16.02
N SER A 686 -22.16 -6.06 -15.59
CA SER A 686 -22.61 -4.97 -16.43
C SER A 686 -21.45 -4.01 -16.73
N PRO A 687 -21.37 -3.46 -17.95
CA PRO A 687 -20.29 -2.52 -18.26
C PRO A 687 -20.29 -1.29 -17.38
N THR A 688 -21.46 -0.90 -16.86
CA THR A 688 -21.57 0.24 -15.97
C THR A 688 -21.33 -0.12 -14.51
N MET A 689 -20.87 -1.34 -14.24
CA MET A 689 -20.63 -1.81 -12.88
C MET A 689 -19.17 -1.61 -12.52
N VAL A 690 -18.93 -0.98 -11.38
CA VAL A 690 -17.60 -0.91 -10.76
C VAL A 690 -17.72 -1.52 -9.37
N VAL A 691 -16.85 -2.48 -9.08
CA VAL A 691 -16.90 -3.25 -7.84
C VAL A 691 -15.71 -2.84 -6.99
N LEU A 692 -16.00 -2.20 -5.86
CA LEU A 692 -14.97 -1.80 -4.89
C LEU A 692 -15.07 -2.74 -3.70
N PHE A 693 -14.13 -3.67 -3.61
CA PHE A 693 -14.11 -4.68 -2.56
C PHE A 693 -12.97 -4.41 -1.59
N ARG A 694 -13.22 -4.67 -0.32
CA ARG A 694 -12.21 -4.56 0.73
C ARG A 694 -12.17 -5.86 1.53
N TRP A 695 -10.97 -6.33 1.83
CA TRP A 695 -10.79 -7.45 2.75
C TRP A 695 -9.96 -7.02 3.96
N VAL A 696 -10.11 -5.77 4.37
CA VAL A 696 -9.40 -5.20 5.52
C VAL A 696 -10.42 -4.51 6.42
N PRO A 697 -10.45 -4.83 7.72
CA PRO A 697 -11.40 -4.15 8.60
C PRO A 697 -10.98 -2.71 8.85
N VAL A 698 -11.96 -1.81 8.80
CA VAL A 698 -11.69 -0.38 8.84
C VAL A 698 -12.43 0.24 10.02
N THR A 699 -11.98 1.43 10.40
CA THR A 699 -12.58 2.23 11.46
C THR A 699 -13.64 3.14 10.81
N ASP A 700 -14.35 3.92 11.61
CA ASP A 700 -15.47 4.71 11.12
C ASP A 700 -14.99 5.93 10.36
N ALA A 701 -14.19 5.70 9.31
CA ALA A 701 -13.79 6.76 8.39
C ALA A 701 -13.89 6.36 6.94
N TYR A 702 -14.24 5.11 6.63
CA TYR A 702 -14.32 4.66 5.25
C TYR A 702 -15.44 5.40 4.51
N TRP A 703 -16.61 5.47 5.12
CA TRP A 703 -17.73 6.21 4.56
C TRP A 703 -17.69 7.69 4.90
N GLN A 704 -17.03 8.07 6.01
CA GLN A 704 -16.93 9.47 6.38
C GLN A 704 -16.22 10.29 5.31
N ILE A 705 -15.23 9.70 4.65
CA ILE A 705 -14.53 10.40 3.59
C ILE A 705 -15.18 10.18 2.23
N LEU A 706 -15.90 9.06 2.06
CA LEU A 706 -16.59 8.82 0.78
C LEU A 706 -17.77 9.76 0.60
N PHE A 707 -18.54 9.99 1.66
CA PHE A 707 -19.70 10.88 1.56
C PHE A 707 -19.31 12.32 1.30
N SER A 708 -18.07 12.72 1.60
CA SER A 708 -17.61 14.06 1.30
CA SER A 708 -17.61 14.06 1.30
C SER A 708 -17.19 14.24 -0.16
N VAL A 709 -17.04 13.15 -0.91
CA VAL A 709 -16.64 13.25 -2.30
C VAL A 709 -17.83 13.34 -3.25
N LEU A 710 -19.01 12.88 -2.83
CA LEU A 710 -20.21 12.95 -3.68
C LEU A 710 -20.63 14.38 -3.99
N LYS A 711 -19.91 15.39 -3.50
CA LYS A 711 -20.09 16.74 -3.98
C LYS A 711 -19.82 16.79 -5.48
N VAL A 712 -20.43 17.79 -6.14
CA VAL A 712 -20.34 18.02 -7.57
C VAL A 712 -20.38 16.72 -8.35
N THR A 713 -21.30 15.82 -7.98
CA THR A 713 -21.37 14.51 -8.61
C THR A 713 -21.76 14.63 -10.08
N ARG A 714 -21.12 13.79 -10.89
CA ARG A 714 -21.41 13.68 -12.32
C ARG A 714 -22.53 12.66 -12.52
N ASN A 715 -22.68 12.15 -13.74
CA ASN A 715 -23.75 11.24 -14.11
C ASN A 715 -23.78 9.95 -13.31
N LEU A 716 -22.81 9.75 -12.42
CA LEU A 716 -22.81 8.61 -11.50
C LEU A 716 -23.86 8.89 -10.42
N LYS A 717 -25.12 8.62 -10.77
CA LYS A 717 -26.24 8.90 -9.88
C LYS A 717 -26.54 7.72 -8.95
N GLU A 718 -26.65 6.52 -9.51
CA GLU A 718 -26.96 5.34 -8.71
C GLU A 718 -25.79 4.99 -7.80
N LEU A 719 -26.10 4.72 -6.52
CA LEU A 719 -25.10 4.41 -5.52
C LEU A 719 -25.50 3.15 -4.78
N ASP A 720 -24.56 2.21 -4.65
CA ASP A 720 -24.79 0.95 -3.95
C ASP A 720 -23.74 0.79 -2.86
N LEU A 721 -24.20 0.46 -1.65
CA LEU A 721 -23.30 0.12 -0.56
C LEU A 721 -23.86 -1.02 0.29
N SER A 722 -24.78 -1.80 -0.28
CA SER A 722 -25.48 -2.84 0.49
C SER A 722 -24.50 -3.89 1.00
N GLY A 723 -24.77 -4.39 2.20
CA GLY A 723 -23.92 -5.40 2.81
C GLY A 723 -22.98 -4.83 3.86
N ASN A 724 -22.44 -3.64 3.60
CA ASN A 724 -21.52 -3.02 4.53
C ASN A 724 -22.24 -2.58 5.80
N SER A 725 -21.58 -2.74 6.94
CA SER A 725 -22.14 -2.35 8.23
CA SER A 725 -22.14 -2.35 8.23
C SER A 725 -21.72 -0.92 8.55
N LEU A 726 -22.71 -0.05 8.74
CA LEU A 726 -22.47 1.35 9.03
C LEU A 726 -22.70 1.65 10.50
N SER A 727 -22.62 2.93 10.86
CA SER A 727 -22.87 3.38 12.23
C SER A 727 -23.69 4.66 12.17
N HIS A 728 -24.02 5.20 13.35
CA HIS A 728 -24.88 6.38 13.42
C HIS A 728 -24.20 7.59 12.77
N SER A 729 -22.91 7.80 13.06
CA SER A 729 -22.21 8.95 12.49
CA SER A 729 -22.21 8.95 12.49
C SER A 729 -22.11 8.83 10.97
N ALA A 730 -21.89 7.62 10.45
CA ALA A 730 -21.83 7.43 9.01
C ALA A 730 -23.16 7.78 8.35
N VAL A 731 -24.28 7.40 8.99
CA VAL A 731 -25.59 7.74 8.45
C VAL A 731 -25.82 9.24 8.52
N LYS A 732 -25.33 9.89 9.59
CA LYS A 732 -25.41 11.34 9.67
C LYS A 732 -24.65 12.00 8.52
N SER A 733 -23.44 11.49 8.23
CA SER A 733 -22.68 12.02 7.11
CA SER A 733 -22.68 12.02 7.11
C SER A 733 -23.39 11.78 5.78
N LEU A 734 -24.02 10.62 5.63
CA LEU A 734 -24.76 10.33 4.41
C LEU A 734 -25.94 11.27 4.24
N CYS A 735 -26.65 11.59 5.33
CA CYS A 735 -27.76 12.54 5.22
C CYS A 735 -27.26 13.96 4.98
N LYS A 736 -26.06 14.30 5.49
CA LYS A 736 -25.45 15.57 5.11
C LYS A 736 -25.15 15.61 3.62
N THR A 737 -24.66 14.49 3.08
CA THR A 737 -24.43 14.39 1.64
C THR A 737 -25.73 14.54 0.86
N LEU A 738 -26.80 13.90 1.33
CA LEU A 738 -28.10 14.03 0.69
C LEU A 738 -28.61 15.46 0.76
N ARG A 739 -28.24 16.20 1.82
CA ARG A 739 -28.70 17.57 1.98
C ARG A 739 -28.01 18.55 1.04
N ARG A 740 -26.90 18.15 0.41
CA ARG A 740 -26.17 19.07 -0.45
C ARG A 740 -27.02 19.44 -1.66
N PRO A 741 -27.18 20.73 -1.96
CA PRO A 741 -28.04 21.13 -3.09
C PRO A 741 -27.57 20.60 -4.43
N ARG A 742 -26.25 20.51 -4.62
CA ARG A 742 -25.68 20.09 -5.90
C ARG A 742 -25.48 18.58 -5.98
N CYS A 743 -25.83 17.84 -4.94
CA CYS A 743 -25.84 16.39 -5.01
C CYS A 743 -27.00 15.91 -5.87
N LEU A 744 -26.72 14.95 -6.76
CA LEU A 744 -27.71 14.49 -7.74
C LEU A 744 -28.03 13.00 -7.58
N LEU A 745 -27.95 12.47 -6.36
CA LEU A 745 -28.25 11.06 -6.14
C LEU A 745 -29.70 10.77 -6.54
N GLU A 746 -29.89 9.93 -7.55
CA GLU A 746 -31.20 9.61 -8.08
C GLU A 746 -31.81 8.36 -7.47
N THR A 747 -31.02 7.28 -7.34
CA THR A 747 -31.47 6.05 -6.72
C THR A 747 -30.43 5.57 -5.73
N LEU A 748 -30.85 5.28 -4.51
CA LEU A 748 -29.95 4.87 -3.44
C LEU A 748 -30.49 3.62 -2.76
N ARG A 749 -29.60 2.69 -2.43
CA ARG A 749 -29.96 1.44 -1.78
C ARG A 749 -29.10 1.24 -0.54
N LEU A 750 -29.73 0.80 0.54
CA LEU A 750 -29.08 0.58 1.83
C LEU A 750 -29.47 -0.78 2.40
N ALA A 751 -29.41 -1.81 1.55
CA ALA A 751 -29.88 -3.13 1.95
C ALA A 751 -28.88 -3.81 2.86
N GLY A 752 -29.38 -4.37 3.97
CA GLY A 752 -28.56 -5.18 4.85
C GLY A 752 -27.38 -4.46 5.48
N CYS A 753 -27.59 -3.23 5.93
CA CYS A 753 -26.53 -2.45 6.57
C CYS A 753 -26.64 -2.43 8.08
N GLY A 754 -27.57 -3.17 8.66
CA GLY A 754 -27.75 -3.16 10.11
C GLY A 754 -28.15 -1.81 10.65
N LEU A 755 -29.06 -1.12 9.96
CA LEU A 755 -29.48 0.21 10.38
C LEU A 755 -30.31 0.15 11.66
N THR A 756 -30.34 1.26 12.38
CA THR A 756 -31.12 1.41 13.59
C THR A 756 -32.27 2.38 13.36
N ALA A 757 -33.23 2.37 14.29
CA ALA A 757 -34.38 3.25 14.17
C ALA A 757 -34.01 4.71 14.34
N GLU A 758 -32.99 5.00 15.18
CA GLU A 758 -32.60 6.39 15.43
C GLU A 758 -32.08 7.05 14.15
N ASP A 759 -31.25 6.33 13.38
CA ASP A 759 -30.71 6.87 12.15
C ASP A 759 -31.78 7.06 11.08
N CYS A 760 -32.91 6.37 11.21
CA CYS A 760 -33.98 6.52 10.23
C CYS A 760 -34.57 7.92 10.27
N LYS A 761 -34.68 8.52 11.45
CA LYS A 761 -35.13 9.90 11.55
C LYS A 761 -34.16 10.84 10.85
N ASP A 762 -32.86 10.62 11.01
CA ASP A 762 -31.87 11.45 10.32
C ASP A 762 -31.99 11.29 8.81
N LEU A 763 -32.22 10.05 8.34
CA LEU A 763 -32.40 9.84 6.91
C LEU A 763 -33.63 10.57 6.39
N ALA A 764 -34.74 10.49 7.13
CA ALA A 764 -35.96 11.17 6.71
C ALA A 764 -35.76 12.68 6.68
N PHE A 765 -35.06 13.22 7.68
CA PHE A 765 -34.78 14.66 7.69
C PHE A 765 -33.87 15.05 6.52
N GLY A 766 -32.87 14.22 6.22
CA GLY A 766 -32.01 14.51 5.09
C GLY A 766 -32.76 14.48 3.77
N LEU A 767 -33.80 13.65 3.67
CA LEU A 767 -34.58 13.60 2.43
C LEU A 767 -35.33 14.88 2.13
N ARG A 768 -35.59 15.74 3.12
CA ARG A 768 -36.39 16.94 2.87
C ARG A 768 -35.68 17.89 1.90
N ALA A 769 -34.37 18.04 2.05
CA ALA A 769 -33.60 18.92 1.18
C ALA A 769 -33.05 18.18 -0.03
N ASN A 770 -33.94 17.52 -0.75
CA ASN A 770 -33.55 16.73 -1.92
C ASN A 770 -34.73 16.65 -2.86
N GLN A 771 -34.45 16.72 -4.17
CA GLN A 771 -35.50 16.64 -5.18
C GLN A 771 -35.13 15.73 -6.34
N THR A 772 -34.03 14.97 -6.24
CA THR A 772 -33.60 14.09 -7.31
C THR A 772 -33.67 12.61 -6.97
N LEU A 773 -33.63 12.25 -5.70
CA LEU A 773 -33.72 10.84 -5.32
C LEU A 773 -35.11 10.30 -5.63
N THR A 774 -35.16 9.12 -6.23
CA THR A 774 -36.43 8.55 -6.67
C THR A 774 -36.66 7.15 -6.13
N GLU A 775 -35.58 6.42 -5.85
CA GLU A 775 -35.67 5.05 -5.35
C GLU A 775 -34.86 4.91 -4.08
N LEU A 776 -35.48 4.35 -3.05
CA LEU A 776 -34.81 4.07 -1.78
C LEU A 776 -35.05 2.62 -1.42
N ASP A 777 -33.98 1.89 -1.10
CA ASP A 777 -34.04 0.47 -0.79
C ASP A 777 -33.58 0.27 0.65
N LEU A 778 -34.41 -0.39 1.45
CA LEU A 778 -34.11 -0.72 2.84
C LEU A 778 -34.43 -2.19 3.11
N SER A 779 -34.16 -3.04 2.13
CA SER A 779 -34.43 -4.47 2.28
C SER A 779 -33.43 -5.11 3.25
N PHE A 780 -33.89 -6.17 3.93
CA PHE A 780 -33.07 -6.91 4.88
C PHE A 780 -32.48 -5.97 5.94
N ASN A 781 -33.30 -5.06 6.44
CA ASN A 781 -32.88 -4.05 7.40
C ASN A 781 -33.69 -4.21 8.68
N VAL A 782 -33.10 -3.75 9.79
CA VAL A 782 -33.69 -3.89 11.11
C VAL A 782 -34.31 -2.56 11.48
N LEU A 783 -35.63 -2.44 11.32
CA LEU A 783 -36.38 -1.28 11.72
C LEU A 783 -37.54 -1.68 12.61
N THR A 784 -38.14 -0.68 13.26
CA THR A 784 -39.29 -0.86 14.13
C THR A 784 -40.45 -0.02 13.61
N ASP A 785 -41.57 -0.06 14.35
CA ASP A 785 -42.74 0.73 13.96
C ASP A 785 -42.46 2.22 14.03
N ALA A 786 -41.76 2.66 15.08
CA ALA A 786 -41.41 4.07 15.19
C ALA A 786 -40.42 4.47 14.09
N GLY A 787 -39.51 3.57 13.71
CA GLY A 787 -38.64 3.86 12.59
C GLY A 787 -39.41 4.06 11.30
N ALA A 788 -40.40 3.20 11.04
CA ALA A 788 -41.25 3.40 9.87
C ALA A 788 -42.08 4.66 9.96
N LYS A 789 -42.42 5.10 11.17
CA LYS A 789 -43.19 6.34 11.34
C LYS A 789 -42.41 7.55 10.83
N HIS A 790 -41.09 7.57 11.07
CA HIS A 790 -40.28 8.69 10.60
C HIS A 790 -40.28 8.79 9.08
N LEU A 791 -40.14 7.64 8.39
CA LEU A 791 -40.25 7.66 6.94
C LEU A 791 -41.64 8.06 6.48
N CYS A 792 -42.67 7.54 7.17
CA CYS A 792 -44.05 7.83 6.78
C CYS A 792 -44.36 9.32 6.90
N GLN A 793 -43.76 10.00 7.88
CA GLN A 793 -43.99 11.44 8.02
C GLN A 793 -43.49 12.20 6.79
N ARG A 794 -42.29 11.85 6.31
CA ARG A 794 -41.71 12.57 5.17
C ARG A 794 -42.33 12.14 3.83
N LEU A 795 -42.73 10.87 3.70
CA LEU A 795 -43.23 10.39 2.42
C LEU A 795 -44.54 11.08 2.03
N ARG A 796 -45.42 11.31 3.00
CA ARG A 796 -46.72 11.89 2.71
C ARG A 796 -46.65 13.35 2.27
N GLN A 797 -45.50 14.00 2.47
CA GLN A 797 -45.34 15.37 2.01
C GLN A 797 -45.37 15.45 0.49
N PRO A 798 -45.84 16.55 -0.08
CA PRO A 798 -45.86 16.66 -1.55
C PRO A 798 -44.48 16.60 -2.19
N SER A 799 -43.44 17.01 -1.45
CA SER A 799 -42.08 16.91 -1.94
C SER A 799 -41.58 15.47 -1.76
N CYS A 800 -40.27 15.27 -1.92
CA CYS A 800 -39.62 13.97 -1.77
C CYS A 800 -40.22 12.95 -2.72
N LYS A 801 -40.02 13.22 -4.02
CA LYS A 801 -40.59 12.40 -5.09
C LYS A 801 -39.84 11.08 -5.17
N LEU A 802 -40.17 10.18 -4.24
CA LEU A 802 -39.60 8.84 -4.20
C LEU A 802 -40.56 7.91 -4.93
N GLN A 803 -40.22 7.55 -6.17
CA GLN A 803 -41.10 6.70 -6.97
C GLN A 803 -41.14 5.27 -6.43
N ARG A 804 -39.99 4.74 -6.02
CA ARG A 804 -39.88 3.35 -5.58
C ARG A 804 -39.30 3.29 -4.18
N LEU A 805 -39.88 2.41 -3.35
CA LEU A 805 -39.41 2.18 -1.99
C LEU A 805 -39.56 0.70 -1.67
N GLN A 806 -38.52 0.11 -1.09
CA GLN A 806 -38.52 -1.30 -0.73
C GLN A 806 -38.32 -1.44 0.77
N LEU A 807 -39.16 -2.26 1.41
CA LEU A 807 -39.12 -2.50 2.85
C LEU A 807 -39.18 -3.99 3.15
N VAL A 808 -38.36 -4.77 2.45
CA VAL A 808 -38.36 -6.22 2.60
C VAL A 808 -37.64 -6.59 3.89
N SER A 809 -38.26 -7.45 4.68
CA SER A 809 -37.67 -7.99 5.91
C SER A 809 -37.26 -6.88 6.88
N CYS A 810 -38.15 -5.91 7.07
CA CYS A 810 -37.93 -4.82 8.02
C CYS A 810 -38.52 -5.08 9.38
N GLY A 811 -39.17 -6.23 9.58
CA GLY A 811 -39.75 -6.53 10.88
C GLY A 811 -40.94 -5.67 11.25
N LEU A 812 -41.53 -4.97 10.29
CA LEU A 812 -42.67 -4.11 10.57
C LEU A 812 -43.89 -4.95 10.94
N THR A 813 -44.70 -4.41 11.84
CA THR A 813 -45.95 -5.05 12.26
C THR A 813 -47.12 -4.18 11.84
N SER A 814 -48.33 -4.59 12.24
CA SER A 814 -49.55 -3.89 11.85
C SER A 814 -49.67 -2.52 12.49
N ASP A 815 -48.82 -2.21 13.48
CA ASP A 815 -48.92 -0.91 14.15
CA ASP A 815 -48.92 -0.91 14.16
C ASP A 815 -48.65 0.24 13.19
N CYS A 816 -47.66 0.10 12.32
CA CYS A 816 -47.26 1.17 11.41
C CYS A 816 -48.05 1.18 10.11
N CYS A 817 -48.96 0.24 9.90
CA CYS A 817 -49.75 0.27 8.68
C CYS A 817 -50.70 1.46 8.63
N GLN A 818 -51.09 2.01 9.78
CA GLN A 818 -51.88 3.23 9.75
CA GLN A 818 -51.88 3.23 9.76
C GLN A 818 -51.11 4.38 9.11
N ASP A 819 -49.85 4.56 9.51
CA ASP A 819 -49.01 5.59 8.90
C ASP A 819 -48.75 5.28 7.44
N LEU A 820 -48.51 4.00 7.12
CA LEU A 820 -48.27 3.63 5.72
C LEU A 820 -49.49 3.92 4.86
N ALA A 821 -50.68 3.59 5.36
CA ALA A 821 -51.92 3.86 4.64
C ALA A 821 -52.11 5.36 4.46
N SER A 822 -51.75 6.15 5.47
CA SER A 822 -51.80 7.60 5.32
CA SER A 822 -51.80 7.60 5.32
C SER A 822 -50.86 8.07 4.22
N VAL A 823 -49.68 7.44 4.11
CA VAL A 823 -48.74 7.78 3.05
C VAL A 823 -49.34 7.49 1.69
N LEU A 824 -49.88 6.27 1.51
CA LEU A 824 -50.51 5.93 0.23
C LEU A 824 -51.66 6.87 -0.09
N SER A 825 -52.45 7.24 0.91
CA SER A 825 -53.60 8.12 0.70
CA SER A 825 -53.60 8.12 0.71
C SER A 825 -53.20 9.58 0.57
N ALA A 826 -51.95 9.95 0.83
CA ALA A 826 -51.53 11.34 0.75
C ALA A 826 -50.43 11.61 -0.26
N SER A 827 -49.49 10.69 -0.45
CA SER A 827 -48.34 10.95 -1.31
C SER A 827 -48.72 10.84 -2.78
N PRO A 828 -48.40 11.83 -3.60
CA PRO A 828 -48.65 11.73 -5.05
C PRO A 828 -47.50 11.16 -5.87
N SER A 829 -46.41 10.72 -5.24
CA SER A 829 -45.21 10.35 -5.98
C SER A 829 -44.75 8.90 -5.80
N LEU A 830 -45.23 8.20 -4.78
CA LEU A 830 -44.89 6.79 -4.60
C LEU A 830 -45.57 5.95 -5.68
N LYS A 831 -44.76 5.33 -6.55
CA LYS A 831 -45.25 4.47 -7.60
C LYS A 831 -45.17 2.98 -7.26
N GLU A 832 -44.06 2.55 -6.65
CA GLU A 832 -43.87 1.16 -6.26
C GLU A 832 -43.44 1.10 -4.81
N LEU A 833 -44.10 0.24 -4.03
CA LEU A 833 -43.77 0.04 -2.62
C LEU A 833 -43.73 -1.45 -2.33
N ASP A 834 -42.71 -1.87 -1.59
CA ASP A 834 -42.51 -3.28 -1.25
C ASP A 834 -42.60 -3.46 0.26
N LEU A 835 -43.35 -4.47 0.70
CA LEU A 835 -43.52 -4.74 2.12
C LEU A 835 -43.46 -6.24 2.41
N GLN A 836 -42.65 -6.98 1.66
CA GLN A 836 -42.56 -8.42 1.82
C GLN A 836 -41.70 -8.79 3.03
N GLN A 837 -41.76 -10.06 3.40
CA GLN A 837 -41.03 -10.61 4.55
C GLN A 837 -41.33 -9.83 5.82
N ASN A 838 -42.58 -9.46 6.01
CA ASN A 838 -43.02 -8.72 7.19
C ASN A 838 -44.22 -9.41 7.80
N ASN A 839 -44.20 -9.57 9.12
CA ASN A 839 -45.29 -10.23 9.85
C ASN A 839 -46.40 -9.21 10.09
N LEU A 840 -47.14 -8.92 9.02
CA LEU A 840 -48.04 -7.78 9.01
C LEU A 840 -49.46 -8.13 9.42
N ASP A 841 -49.81 -9.43 9.47
CA ASP A 841 -51.10 -9.98 9.90
C ASP A 841 -52.30 -9.37 9.20
N ASP A 842 -53.50 -9.61 9.73
CA ASP A 842 -54.73 -9.19 9.07
C ASP A 842 -55.00 -7.70 9.24
N VAL A 843 -54.77 -7.18 10.44
CA VAL A 843 -55.10 -5.78 10.72
C VAL A 843 -54.26 -4.86 9.85
N GLY A 844 -52.98 -5.17 9.70
CA GLY A 844 -52.13 -4.35 8.84
C GLY A 844 -52.57 -4.39 7.39
N VAL A 845 -52.97 -5.55 6.90
CA VAL A 845 -53.42 -5.65 5.51
C VAL A 845 -54.71 -4.86 5.32
N ARG A 846 -55.63 -4.95 6.28
CA ARG A 846 -56.86 -4.17 6.18
CA ARG A 846 -56.86 -4.17 6.18
C ARG A 846 -56.57 -2.67 6.19
N LEU A 847 -55.66 -2.23 7.07
CA LEU A 847 -55.31 -0.82 7.11
C LEU A 847 -54.68 -0.36 5.80
N LEU A 848 -53.79 -1.17 5.24
CA LEU A 848 -53.20 -0.82 3.95
C LEU A 848 -54.24 -0.83 2.83
N CYS A 849 -55.24 -1.70 2.91
CA CYS A 849 -56.31 -1.69 1.91
C CYS A 849 -57.13 -0.41 2.01
N GLU A 850 -57.38 0.07 3.24
CA GLU A 850 -58.08 1.34 3.38
C GLU A 850 -57.30 2.47 2.72
N GLY A 851 -55.98 2.50 2.90
CA GLY A 851 -55.17 3.50 2.23
C GLY A 851 -55.13 3.34 0.72
N LEU A 852 -55.04 2.10 0.24
CA LEU A 852 -54.92 1.85 -1.19
C LEU A 852 -56.20 2.18 -1.93
N ARG A 853 -57.36 1.99 -1.29
CA ARG A 853 -58.63 2.24 -1.97
C ARG A 853 -58.81 3.71 -2.32
N HIS A 854 -58.01 4.62 -1.77
CA HIS A 854 -58.15 6.03 -2.09
C HIS A 854 -57.81 6.26 -3.56
N PRO A 855 -58.64 7.01 -4.31
CA PRO A 855 -58.32 7.28 -5.71
C PRO A 855 -57.01 8.03 -5.91
N ALA A 856 -56.59 8.84 -4.94
CA ALA A 856 -55.36 9.62 -5.07
C ALA A 856 -54.10 8.77 -5.01
N CYS A 857 -54.22 7.49 -4.67
CA CYS A 857 -53.04 6.62 -4.61
C CYS A 857 -52.40 6.49 -5.98
N LYS A 858 -51.08 6.58 -6.02
CA LYS A 858 -50.32 6.49 -7.26
C LYS A 858 -49.54 5.18 -7.37
N LEU A 859 -49.75 4.25 -6.46
CA LEU A 859 -49.02 2.99 -6.49
C LEU A 859 -49.51 2.10 -7.63
N ILE A 860 -48.59 1.37 -8.24
CA ILE A 860 -48.90 0.46 -9.34
C ILE A 860 -48.64 -0.99 -8.97
N ARG A 861 -47.48 -1.28 -8.37
CA ARG A 861 -47.10 -2.64 -8.00
C ARG A 861 -46.69 -2.67 -6.54
N LEU A 862 -47.27 -3.60 -5.78
CA LEU A 862 -46.99 -3.72 -4.35
C LEU A 862 -46.64 -5.16 -4.02
N GLY A 863 -45.73 -5.32 -3.06
CA GLY A 863 -45.34 -6.64 -2.62
C GLY A 863 -45.76 -6.93 -1.19
N LEU A 864 -46.71 -7.85 -1.03
CA LEU A 864 -47.23 -8.21 0.29
C LEU A 864 -47.33 -9.72 0.39
N ASP A 865 -47.02 -10.25 1.57
CA ASP A 865 -47.15 -11.67 1.82
C ASP A 865 -48.62 -12.05 2.07
N GLN A 866 -49.04 -13.17 1.52
CA GLN A 866 -50.41 -13.64 1.63
C GLN A 866 -50.52 -15.10 2.09
N THR A 867 -49.40 -15.76 2.37
CA THR A 867 -49.46 -17.15 2.80
C THR A 867 -50.14 -17.30 4.15
N THR A 868 -49.85 -16.39 5.08
CA THR A 868 -50.38 -16.48 6.45
C THR A 868 -51.72 -15.77 6.61
N LEU A 869 -52.22 -15.11 5.58
CA LEU A 869 -53.48 -14.39 5.69
C LEU A 869 -54.66 -15.35 5.73
N SER A 870 -55.80 -14.84 6.22
CA SER A 870 -56.99 -15.65 6.39
C SER A 870 -57.68 -15.88 5.05
N ASP A 871 -58.77 -16.66 5.08
CA ASP A 871 -59.48 -16.99 3.84
C ASP A 871 -60.11 -15.76 3.20
N GLU A 872 -60.73 -14.90 4.01
CA GLU A 872 -61.41 -13.73 3.46
C GLU A 872 -60.43 -12.66 2.98
N MET A 873 -59.19 -12.70 3.46
CA MET A 873 -58.23 -11.65 3.10
C MET A 873 -57.86 -11.73 1.62
N ARG A 874 -57.66 -12.93 1.09
CA ARG A 874 -57.40 -13.07 -0.33
C ARG A 874 -58.61 -12.64 -1.17
N GLN A 875 -59.82 -12.87 -0.67
CA GLN A 875 -61.01 -12.40 -1.38
C GLN A 875 -61.05 -10.87 -1.43
N GLU A 876 -60.76 -10.22 -0.31
CA GLU A 876 -60.73 -8.76 -0.30
C GLU A 876 -59.63 -8.22 -1.22
N LEU A 877 -58.45 -8.83 -1.19
CA LEU A 877 -57.37 -8.38 -2.06
C LEU A 877 -57.73 -8.59 -3.54
N ARG A 878 -58.37 -9.71 -3.85
CA ARG A 878 -58.78 -9.98 -5.23
C ARG A 878 -59.80 -8.94 -5.70
N ALA A 879 -60.76 -8.61 -4.84
CA ALA A 879 -61.74 -7.59 -5.21
C ALA A 879 -61.08 -6.22 -5.38
N LEU A 880 -60.13 -5.89 -4.50
CA LEU A 880 -59.42 -4.62 -4.61
C LEU A 880 -58.62 -4.53 -5.90
N GLU A 881 -57.97 -5.63 -6.29
CA GLU A 881 -57.26 -5.64 -7.57
C GLU A 881 -58.22 -5.60 -8.75
N GLN A 882 -59.39 -6.22 -8.61
CA GLN A 882 -60.38 -6.16 -9.69
C GLN A 882 -60.87 -4.74 -9.91
N GLU A 883 -61.15 -4.01 -8.83
CA GLU A 883 -61.60 -2.63 -8.97
C GLU A 883 -60.48 -1.66 -9.32
N LYS A 884 -59.22 -2.11 -9.27
CA LYS A 884 -58.06 -1.28 -9.59
C LYS A 884 -57.19 -2.04 -10.59
N PRO A 885 -57.50 -1.93 -11.89
CA PRO A 885 -56.70 -2.67 -12.89
C PRO A 885 -55.23 -2.29 -12.89
N GLN A 886 -54.90 -1.04 -12.56
CA GLN A 886 -53.50 -0.62 -12.47
C GLN A 886 -52.79 -1.18 -11.25
N LEU A 887 -53.51 -1.85 -10.35
CA LEU A 887 -52.92 -2.46 -9.16
C LEU A 887 -52.48 -3.88 -9.46
N LEU A 888 -51.23 -4.19 -9.15
CA LEU A 888 -50.69 -5.53 -9.27
C LEU A 888 -49.97 -5.88 -7.97
N ILE A 889 -50.21 -7.10 -7.48
CA ILE A 889 -49.56 -7.61 -6.28
C ILE A 889 -48.68 -8.79 -6.66
N PHE A 890 -47.43 -8.75 -6.24
CA PHE A 890 -46.44 -9.76 -6.59
C PHE A 890 -45.85 -10.35 -5.32
N SER A 891 -45.23 -11.52 -5.48
CA SER A 891 -44.69 -12.28 -4.36
C SER A 891 -43.43 -13.00 -4.85
N ARG A 892 -43.00 -14.01 -4.10
CA ARG A 892 -41.78 -14.75 -4.44
C ARG A 892 -41.84 -15.27 -5.88
N ARG A 893 -42.78 -16.18 -6.15
CA ARG A 893 -42.92 -16.81 -7.46
C ARG A 893 -44.20 -17.62 -7.53
N MET B 1 36.45 -43.18 3.15
CA MET B 1 35.95 -42.33 4.22
C MET B 1 36.78 -41.05 4.31
N SER B 2 36.22 -40.03 4.95
CA SER B 2 36.88 -38.73 5.09
C SER B 2 37.48 -38.59 6.49
N ILE B 3 38.63 -37.92 6.56
CA ILE B 3 39.35 -37.73 7.81
C ILE B 3 39.46 -36.23 8.07
N HIS B 4 39.07 -35.80 9.27
CA HIS B 4 39.10 -34.39 9.63
C HIS B 4 40.46 -34.02 10.21
N ILE B 5 41.02 -32.91 9.74
CA ILE B 5 42.32 -32.43 10.18
C ILE B 5 42.12 -31.37 11.25
N LYS B 6 42.80 -31.54 12.39
CA LYS B 6 42.70 -30.60 13.49
C LYS B 6 43.82 -29.56 13.52
N ASP B 7 45.01 -29.91 13.06
CA ASP B 7 46.14 -28.98 13.09
C ASP B 7 47.15 -29.39 12.02
N SER B 8 48.23 -28.61 11.92
CA SER B 8 49.25 -28.89 10.91
C SER B 8 49.94 -30.23 11.17
N ASP B 9 50.15 -30.58 12.44
CA ASP B 9 50.80 -31.85 12.75
C ASP B 9 49.98 -33.03 12.22
N ASP B 10 48.66 -32.99 12.41
CA ASP B 10 47.80 -34.04 11.88
C ASP B 10 47.86 -34.09 10.36
N LEU B 11 47.89 -32.92 9.72
CA LEU B 11 47.94 -32.84 8.27
C LEU B 11 49.21 -33.52 7.73
N LYS B 12 50.36 -33.16 8.30
CA LYS B 12 51.61 -33.77 7.86
C LYS B 12 51.66 -35.26 8.21
N ASN B 13 51.05 -35.66 9.33
CA ASN B 13 51.01 -37.08 9.66
C ASN B 13 50.21 -37.87 8.63
N ARG B 14 49.05 -37.35 8.23
CA ARG B 14 48.25 -38.04 7.21
C ARG B 14 48.98 -38.08 5.87
N LEU B 15 49.63 -36.98 5.48
CA LEU B 15 50.40 -37.01 4.23
C LEU B 15 51.55 -38.00 4.30
N ALA B 16 52.23 -38.09 5.43
CA ALA B 16 53.31 -39.06 5.57
C ALA B 16 52.78 -40.49 5.52
N GLU B 17 51.65 -40.75 6.18
CA GLU B 17 51.09 -42.10 6.24
C GLU B 17 50.36 -42.50 4.97
N ALA B 18 50.05 -41.56 4.07
CA ALA B 18 49.33 -41.90 2.85
C ALA B 18 50.19 -42.74 1.91
N GLY B 19 51.50 -42.54 1.91
CA GLY B 19 52.35 -43.32 1.02
C GLY B 19 52.14 -42.93 -0.43
N ASP B 20 52.00 -43.94 -1.29
CA ASP B 20 51.85 -43.70 -2.72
C ASP B 20 50.41 -43.41 -3.12
N LYS B 21 49.45 -43.51 -2.20
CA LYS B 21 48.07 -43.22 -2.53
C LYS B 21 47.88 -41.73 -2.81
N LEU B 22 47.07 -41.43 -3.81
CA LEU B 22 46.79 -40.03 -4.14
C LEU B 22 45.98 -39.38 -3.02
N VAL B 23 46.30 -38.13 -2.73
CA VAL B 23 45.72 -37.39 -1.60
C VAL B 23 44.94 -36.20 -2.11
N VAL B 24 43.72 -36.04 -1.63
CA VAL B 24 42.88 -34.89 -1.94
C VAL B 24 42.56 -34.15 -0.64
N ILE B 25 42.84 -32.85 -0.62
CA ILE B 25 42.51 -31.99 0.52
C ILE B 25 41.40 -31.06 0.08
N ASP B 26 40.30 -31.05 0.83
CA ASP B 26 39.15 -30.21 0.54
C ASP B 26 39.04 -29.09 1.58
N PHE B 27 38.76 -27.88 1.11
CA PHE B 27 38.51 -26.74 1.99
C PHE B 27 37.01 -26.48 2.02
N MET B 28 36.40 -26.67 3.18
CA MET B 28 34.96 -26.51 3.33
C MET B 28 34.66 -25.75 4.62
N ALA B 29 33.49 -25.10 4.63
CA ALA B 29 33.02 -24.35 5.78
C ALA B 29 31.57 -24.71 6.07
N THR B 30 31.18 -24.60 7.33
CA THR B 30 29.81 -24.91 7.73
C THR B 30 28.81 -23.98 7.04
N TRP B 31 29.15 -22.69 6.95
CA TRP B 31 28.26 -21.75 6.30
C TRP B 31 28.24 -21.92 4.78
N CYS B 32 29.27 -22.53 4.21
CA CYS B 32 29.34 -22.71 2.76
C CYS B 32 28.30 -23.72 2.30
N GLY B 33 27.60 -23.38 1.22
CA GLY B 33 26.59 -24.23 0.65
C GLY B 33 27.13 -25.25 -0.35
N PRO B 34 27.84 -24.76 -1.37
CA PRO B 34 28.44 -25.70 -2.33
C PRO B 34 29.37 -26.71 -1.68
N CYS B 35 30.08 -26.31 -0.63
CA CYS B 35 30.98 -27.23 0.06
C CYS B 35 30.20 -28.40 0.65
N LYS B 36 29.09 -28.11 1.33
CA LYS B 36 28.33 -29.15 2.00
C LYS B 36 27.28 -29.80 1.11
N MET B 37 27.18 -29.39 -0.16
CA MET B 37 26.46 -30.20 -1.13
C MET B 37 27.38 -31.04 -2.00
N ILE B 38 28.67 -30.70 -2.07
CA ILE B 38 29.64 -31.52 -2.78
C ILE B 38 30.40 -32.47 -1.86
N GLY B 39 30.34 -32.27 -0.55
CA GLY B 39 30.98 -33.16 0.40
C GLY B 39 30.50 -34.60 0.34
N PRO B 40 29.18 -34.82 0.35
CA PRO B 40 28.69 -36.20 0.20
C PRO B 40 29.16 -36.89 -1.07
N LYS B 41 29.22 -36.17 -2.19
CA LYS B 41 29.69 -36.78 -3.43
C LYS B 41 31.14 -37.22 -3.31
N LEU B 42 31.99 -36.35 -2.74
CA LEU B 42 33.39 -36.72 -2.55
C LEU B 42 33.52 -37.90 -1.60
N ASP B 43 32.68 -37.95 -0.57
CA ASP B 43 32.70 -39.09 0.34
C ASP B 43 32.32 -40.38 -0.39
N GLU B 44 31.30 -40.31 -1.26
CA GLU B 44 30.92 -41.51 -2.00
C GLU B 44 32.04 -41.97 -2.92
N MET B 45 32.70 -41.04 -3.61
CA MET B 45 33.83 -41.43 -4.46
C MET B 45 34.96 -42.04 -3.64
N ALA B 46 35.27 -41.46 -2.47
CA ALA B 46 36.32 -41.99 -1.63
C ALA B 46 35.97 -43.40 -1.14
N ASN B 47 34.70 -43.63 -0.80
CA ASN B 47 34.28 -44.96 -0.41
C ASN B 47 34.39 -45.94 -1.57
N GLU B 48 34.10 -45.48 -2.79
CA GLU B 48 34.12 -46.37 -3.95
C GLU B 48 35.51 -46.91 -4.22
N MET B 49 36.52 -46.04 -4.17
CA MET B 49 37.88 -46.41 -4.55
C MET B 49 38.88 -46.03 -3.46
N SER B 50 38.56 -46.40 -2.21
CA SER B 50 39.43 -46.09 -1.09
C SER B 50 40.80 -46.78 -1.18
N ASP B 51 40.94 -47.78 -2.04
CA ASP B 51 42.20 -48.49 -2.19
C ASP B 51 43.27 -47.65 -2.88
N CYS B 52 42.89 -46.53 -3.50
CA CYS B 52 43.85 -45.70 -4.22
C CYS B 52 43.75 -44.22 -3.86
N ILE B 53 42.63 -43.75 -3.32
CA ILE B 53 42.43 -42.33 -3.05
C ILE B 53 42.09 -42.17 -1.56
N VAL B 54 42.61 -41.10 -0.96
CA VAL B 54 42.28 -40.72 0.41
C VAL B 54 41.86 -39.25 0.40
N VAL B 55 40.74 -38.96 1.06
CA VAL B 55 40.20 -37.60 1.13
C VAL B 55 40.38 -37.08 2.55
N LEU B 56 40.79 -35.82 2.66
CA LEU B 56 41.05 -35.19 3.94
C LEU B 56 40.20 -33.93 4.05
N LYS B 57 39.47 -33.80 5.16
CA LYS B 57 38.61 -32.66 5.39
C LYS B 57 39.25 -31.71 6.39
N VAL B 58 39.41 -30.45 5.98
CA VAL B 58 39.99 -29.42 6.83
C VAL B 58 39.02 -28.23 6.87
N ASP B 59 38.76 -27.71 8.06
CA ASP B 59 37.85 -26.59 8.24
C ASP B 59 38.65 -25.29 8.21
N VAL B 60 38.20 -24.35 7.37
CA VAL B 60 38.91 -23.08 7.24
C VAL B 60 38.83 -22.27 8.55
N ASP B 61 37.68 -22.35 9.25
CA ASP B 61 37.53 -21.60 10.48
C ASP B 61 38.48 -22.08 11.56
N GLU B 62 38.62 -23.41 11.71
CA GLU B 62 39.45 -23.98 12.76
C GLU B 62 40.91 -24.17 12.34
N CYS B 63 41.23 -24.00 11.06
CA CYS B 63 42.58 -24.20 10.54
C CYS B 63 42.97 -23.05 9.62
N GLU B 64 42.79 -21.82 10.10
CA GLU B 64 43.16 -20.65 9.33
C GLU B 64 44.64 -20.68 8.93
N ASP B 65 45.50 -21.23 9.79
CA ASP B 65 46.92 -21.35 9.47
C ASP B 65 47.13 -22.24 8.25
N ILE B 66 46.38 -23.34 8.16
CA ILE B 66 46.51 -24.24 7.01
C ILE B 66 46.09 -23.53 5.73
N ALA B 67 44.99 -22.77 5.79
CA ALA B 67 44.53 -22.03 4.61
C ALA B 67 45.56 -20.99 4.19
N THR B 68 46.16 -20.30 5.15
CA THR B 68 47.21 -19.34 4.82
C THR B 68 48.43 -20.03 4.23
N GLU B 69 48.75 -21.23 4.73
CA GLU B 69 49.90 -21.96 4.20
C GLU B 69 49.68 -22.39 2.76
N TYR B 70 48.48 -22.91 2.44
CA TYR B 70 48.19 -23.36 1.09
C TYR B 70 47.71 -22.24 0.17
N ASN B 71 47.46 -21.05 0.70
CA ASN B 71 47.16 -19.85 -0.11
C ASN B 71 45.90 -20.04 -0.96
N ILE B 72 44.79 -20.39 -0.29
CA ILE B 72 43.49 -20.50 -0.94
C ILE B 72 42.49 -19.62 -0.20
N ASN B 73 41.68 -18.90 -0.96
CA ASN B 73 40.64 -18.03 -0.40
C ASN B 73 39.23 -18.45 -0.75
N SER B 74 38.99 -18.96 -1.97
CA SER B 74 37.66 -19.33 -2.39
C SER B 74 37.37 -20.79 -2.05
N MET B 75 36.11 -21.06 -1.73
CA MET B 75 35.63 -22.39 -1.40
C MET B 75 34.43 -22.74 -2.27
N PRO B 76 34.23 -24.04 -2.58
CA PRO B 76 35.08 -25.17 -2.20
C PRO B 76 36.33 -25.30 -3.06
N THR B 77 37.40 -25.83 -2.48
CA THR B 77 38.67 -26.02 -3.17
C THR B 77 39.20 -27.41 -2.88
N PHE B 78 39.62 -28.12 -3.92
CA PHE B 78 40.22 -29.44 -3.80
C PHE B 78 41.68 -29.36 -4.21
N VAL B 79 42.57 -29.86 -3.34
CA VAL B 79 44.00 -29.83 -3.59
C VAL B 79 44.50 -31.27 -3.68
N PHE B 80 45.23 -31.58 -4.75
CA PHE B 80 45.77 -32.91 -4.98
C PHE B 80 47.26 -32.89 -4.71
N VAL B 81 47.71 -33.80 -3.83
CA VAL B 81 49.10 -33.89 -3.43
C VAL B 81 49.57 -35.32 -3.67
N LYS B 82 50.68 -35.47 -4.39
CA LYS B 82 51.28 -36.77 -4.66
C LYS B 82 52.69 -36.81 -4.09
N ASN B 83 52.97 -37.83 -3.30
CA ASN B 83 54.28 -38.01 -2.66
C ASN B 83 54.66 -36.77 -1.85
N SER B 84 53.71 -36.29 -1.06
CA SER B 84 53.88 -35.10 -0.22
C SER B 84 54.19 -33.85 -1.02
N LYS B 85 53.79 -33.83 -2.30
CA LYS B 85 54.00 -32.69 -3.18
C LYS B 85 52.72 -32.40 -3.94
N LYS B 86 52.30 -31.15 -3.94
CA LYS B 86 51.10 -30.76 -4.68
C LYS B 86 51.33 -30.88 -6.18
N ILE B 87 50.32 -31.40 -6.88
CA ILE B 87 50.42 -31.62 -8.33
C ILE B 87 49.35 -30.83 -9.06
N GLU B 88 48.23 -30.57 -8.39
CA GLU B 88 47.13 -29.86 -9.02
C GLU B 88 46.19 -29.33 -7.95
N GLU B 89 45.48 -28.25 -8.29
CA GLU B 89 44.49 -27.67 -7.40
C GLU B 89 43.50 -26.87 -8.23
N PHE B 90 42.28 -26.76 -7.71
CA PHE B 90 41.21 -26.03 -8.39
C PHE B 90 40.17 -25.61 -7.37
N SER B 91 39.28 -24.71 -7.79
CA SER B 91 38.19 -24.24 -6.96
C SER B 91 36.87 -24.42 -7.71
N GLY B 92 35.80 -24.65 -6.95
CA GLY B 92 34.48 -24.84 -7.53
C GLY B 92 33.88 -26.20 -7.22
N ALA B 93 32.56 -26.23 -7.07
CA ALA B 93 31.83 -27.47 -6.78
C ALA B 93 31.33 -28.14 -8.06
N ASN B 94 32.23 -28.35 -9.01
CA ASN B 94 31.90 -29.03 -10.27
C ASN B 94 32.21 -30.51 -10.11
N VAL B 95 31.17 -31.32 -9.94
CA VAL B 95 31.36 -32.74 -9.62
C VAL B 95 32.04 -33.47 -10.77
N ASP B 96 31.63 -33.21 -12.01
CA ASP B 96 32.18 -33.95 -13.14
C ASP B 96 33.67 -33.68 -13.31
N LYS B 97 34.08 -32.41 -13.20
CA LYS B 97 35.47 -32.07 -13.42
C LYS B 97 36.36 -32.60 -12.31
N LEU B 98 35.88 -32.58 -11.06
CA LEU B 98 36.67 -33.14 -9.97
C LEU B 98 36.77 -34.67 -10.11
N ARG B 99 35.70 -35.32 -10.55
CA ARG B 99 35.79 -36.75 -10.88
C ARG B 99 36.85 -36.99 -11.94
N ASN B 100 36.85 -36.18 -13.00
CA ASN B 100 37.83 -36.34 -14.06
C ASN B 100 39.25 -36.14 -13.55
N THR B 101 39.45 -35.12 -12.70
CA THR B 101 40.79 -34.86 -12.18
C THR B 101 41.28 -36.02 -11.33
N ILE B 102 40.40 -36.58 -10.50
CA ILE B 102 40.78 -37.74 -9.69
C ILE B 102 41.12 -38.92 -10.59
N ILE B 103 40.32 -39.13 -11.66
CA ILE B 103 40.55 -40.27 -12.54
C ILE B 103 41.89 -40.14 -13.27
N LYS B 104 42.21 -38.94 -13.77
CA LYS B 104 43.51 -38.75 -14.42
C LYS B 104 44.67 -38.87 -13.43
N LEU B 105 44.53 -38.34 -12.22
CA LEU B 105 45.65 -38.32 -11.28
C LEU B 105 45.77 -39.60 -10.46
N LYS B 106 44.89 -40.58 -10.65
CA LYS B 106 44.99 -41.84 -9.92
C LYS B 106 45.78 -42.87 -10.74
#